data_3MLY
#
_entry.id   3MLY
#
_cell.length_a   59.948
_cell.length_b   128.787
_cell.length_c   60.096
_cell.angle_alpha   90.000
_cell.angle_beta   92.540
_cell.angle_gamma   90.000
#
_symmetry.space_group_name_H-M   'P 1 21 1'
#
loop_
_entity.id
_entity.type
_entity.pdbx_description
1 polymer 'Human monoclonal anti-HIV-1 gp120 V3 antibody 3074 Fab light chain'
2 polymer 'Human monoclonal anti-HIV-1 gp120 V3 antibody 3074 Fab heavy chain'
3 polymer 'HIV-1 gp120 third variable region (V3) crown'
4 water water
#
loop_
_entity_poly.entity_id
_entity_poly.type
_entity_poly.pdbx_seq_one_letter_code
_entity_poly.pdbx_strand_id
1 'polypeptide(L)'
;QSVLTQPPSVSAAPGQKVTISCSGSSSNIGNNMVSWYQQHPGTAPKLLIYENSKRPSGIPDRFSGSRSGTSATLGIIGLQ
TGDEAEYYCATWDGSLRTVFGGGTKLTVLSQPKAAPSVTLFPPSSEELQANKATLVCLISDFYPGAVTVAWKADSSPVRA
GVETTTPSKQSNNKYAASSYLSLTPEQWKSHRSYSCQVTHEGSTVEKTVAPTEC
;
L,M
2 'polypeptide(L)'
;QVQLQESGPGLVKPSETLSLTCTVSGGSISGFHWSWIRQPPGKGLEYIGYIYYSGSTSYNPSLKSRVSMSVDTSRNQFSL
ELSSVTAADTAVYYCARDFGEYHYDGRGFQCEGFDLWGQGTLVTVSSASTKGPSVFPLAPSSKSTSGGTAALGCLVKDYF
PEPVTVSWNSGALTSGVHTFPAVLQSSGLYSLSSVVTVPSSSLGTQTYICNVNHKPSNTKVDKKVEPKSC
;
H,I
3 'polypeptide(L)' NNTKKSIKIRPRQAFYATNGIIG P,Q
#
# COMPACT_ATOMS: atom_id res chain seq x y z
N GLN A 1 14.47 -13.92 24.32
CA GLN A 1 13.26 -13.78 23.52
C GLN A 1 12.70 -12.36 23.65
N SER A 2 11.90 -11.94 22.67
CA SER A 2 11.33 -10.60 22.68
C SER A 2 10.38 -10.42 23.85
N VAL A 3 10.02 -9.17 24.12
CA VAL A 3 9.17 -8.82 25.25
C VAL A 3 7.77 -9.44 25.14
N LEU A 4 7.13 -9.32 23.98
CA LEU A 4 5.86 -10.02 23.76
C LEU A 4 6.09 -11.25 22.90
N THR A 5 5.46 -12.36 23.28
CA THR A 5 5.66 -13.64 22.59
C THR A 5 4.36 -14.16 21.99
N GLN A 6 4.41 -14.59 20.73
CA GLN A 6 3.28 -15.21 20.01
C GLN A 6 3.68 -16.55 19.40
N PRO A 7 2.73 -17.47 19.23
CA PRO A 7 3.07 -18.69 18.48
C PRO A 7 3.42 -18.32 17.05
N PRO A 8 4.43 -18.95 16.46
CA PRO A 8 4.83 -18.57 15.10
C PRO A 8 3.77 -18.81 14.05
N SER A 9 2.90 -19.77 14.27
CA SER A 9 1.87 -20.04 13.27
C SER A 9 0.62 -20.73 13.81
N VAL A 10 -0.49 -20.45 13.16
CA VAL A 10 -1.76 -21.07 13.50
C VAL A 10 -2.47 -21.35 12.17
N SER A 11 -3.30 -22.39 12.14
CA SER A 11 -3.99 -22.70 10.90
C SER A 11 -5.32 -23.38 11.19
N ALA A 12 -6.25 -23.23 10.25
CA ALA A 12 -7.53 -23.92 10.30
C ALA A 12 -8.15 -23.88 8.91
N ALA A 13 -9.17 -24.72 8.71
CA ALA A 13 -9.85 -24.77 7.41
C ALA A 13 -10.81 -23.59 7.25
N PRO A 14 -11.15 -23.25 5.99
CA PRO A 14 -12.07 -22.14 5.80
C PRO A 14 -13.37 -22.39 6.54
N GLY A 15 -13.95 -21.34 7.11
CA GLY A 15 -15.18 -21.47 7.88
C GLY A 15 -14.97 -21.81 9.34
N GLN A 16 -13.74 -22.18 9.70
CA GLN A 16 -13.44 -22.53 11.09
C GLN A 16 -12.99 -21.29 11.86
N LYS A 17 -12.77 -21.45 13.15
CA LYS A 17 -12.33 -20.32 13.98
C LYS A 17 -10.95 -20.62 14.57
N VAL A 18 -10.21 -19.56 14.88
CA VAL A 18 -8.90 -19.72 15.52
C VAL A 18 -8.69 -18.68 16.60
N THR A 19 -7.72 -18.94 17.48
CA THR A 19 -7.26 -17.92 18.41
C THR A 19 -5.75 -17.78 18.30
N ILE A 20 -5.27 -16.58 18.59
CA ILE A 20 -3.83 -16.32 18.61
C ILE A 20 -3.45 -15.70 19.93
N SER A 21 -2.51 -16.32 20.64
CA SER A 21 -2.07 -15.82 21.95
C SER A 21 -0.99 -14.75 21.85
N CYS A 22 -0.98 -13.87 22.83
CA CYS A 22 0.03 -12.83 23.00
C CYS A 22 0.47 -12.86 24.46
N SER A 23 1.69 -13.34 24.70
CA SER A 23 2.18 -13.54 26.06
C SER A 23 3.07 -12.38 26.44
N GLY A 24 2.69 -11.71 27.53
CA GLY A 24 3.41 -10.54 28.01
C GLY A 24 3.82 -10.69 29.47
N SER A 25 3.84 -9.56 30.17
CA SER A 25 4.25 -9.55 31.57
C SER A 25 3.76 -8.30 32.26
N SER A 26 4.07 -8.17 33.55
CA SER A 26 3.58 -7.05 34.33
C SER A 26 4.04 -5.72 33.75
N SER A 27 5.18 -5.72 33.04
CA SER A 27 5.76 -4.47 32.53
C SER A 27 5.08 -3.97 31.25
N ASN A 28 4.24 -4.80 30.65
CA ASN A 28 3.54 -4.39 29.44
C ASN A 28 2.03 -4.61 29.54
N ILE A 29 1.56 -5.79 29.15
CA ILE A 29 0.12 -6.08 29.14
C ILE A 29 -0.50 -5.90 30.52
N GLY A 30 0.27 -6.19 31.55
CA GLY A 30 -0.20 -5.97 32.90
C GLY A 30 -0.64 -4.53 33.19
N ASN A 31 -0.07 -3.57 32.47
CA ASN A 31 -0.28 -2.16 32.80
C ASN A 31 -0.90 -1.35 31.66
N ASN A 32 -0.81 -1.89 30.46
CA ASN A 32 -1.23 -1.16 29.26
C ASN A 32 -2.07 -2.00 28.33
N MET A 33 -2.87 -1.34 27.50
CA MET A 33 -3.82 -2.04 26.64
C MET A 33 -3.23 -2.46 25.29
N VAL A 34 -3.72 -3.59 24.79
CA VAL A 34 -3.14 -4.27 23.64
C VAL A 34 -3.81 -3.86 22.33
N SER A 35 -2.99 -3.64 21.30
CA SER A 35 -3.52 -3.44 19.95
C SER A 35 -3.06 -4.60 19.06
N TRP A 36 -3.80 -4.87 17.99
CA TRP A 36 -3.45 -5.99 17.10
C TRP A 36 -3.44 -5.52 15.65
N TYR A 37 -2.60 -6.15 14.82
CA TYR A 37 -2.43 -5.77 13.41
C TYR A 37 -2.48 -6.98 12.51
N GLN A 38 -3.00 -6.76 11.31
CA GLN A 38 -2.96 -7.75 10.24
C GLN A 38 -2.05 -7.20 9.16
N GLN A 39 -1.10 -8.02 8.71
CA GLN A 39 -0.19 -7.57 7.66
C GLN A 39 -0.09 -8.59 6.53
N HIS A 40 -0.52 -8.17 5.34
CA HIS A 40 -0.29 -8.98 4.15
C HIS A 40 1.07 -8.60 3.62
N PRO A 41 1.93 -9.58 3.31
CA PRO A 41 3.31 -9.26 2.92
C PRO A 41 3.34 -8.25 1.78
N GLY A 42 4.26 -7.30 1.84
CA GLY A 42 4.37 -6.27 0.83
C GLY A 42 3.58 -5.00 1.13
N THR A 43 2.73 -5.04 2.16
CA THR A 43 1.95 -3.87 2.55
C THR A 43 2.04 -3.57 4.05
N ALA A 44 1.61 -2.38 4.44
CA ALA A 44 1.72 -1.94 5.84
C ALA A 44 0.78 -2.73 6.74
N PRO A 45 1.16 -2.92 8.01
CA PRO A 45 0.23 -3.49 8.97
C PRO A 45 -1.05 -2.65 9.01
N LYS A 46 -2.17 -3.31 9.27
CA LYS A 46 -3.45 -2.64 9.42
C LYS A 46 -3.96 -2.86 10.83
N LEU A 47 -4.41 -1.80 11.49
CA LEU A 47 -4.98 -1.93 12.82
C LEU A 47 -6.28 -2.75 12.81
N LEU A 48 -6.32 -3.82 13.61
CA LEU A 48 -7.48 -4.71 13.72
C LEU A 48 -8.25 -4.50 15.01
N ILE A 49 -7.50 -4.33 16.10
CA ILE A 49 -8.06 -4.23 17.46
C ILE A 49 -7.24 -3.20 18.25
N TYR A 50 -7.92 -2.39 19.06
CA TYR A 50 -7.24 -1.49 19.97
C TYR A 50 -7.92 -1.52 21.32
N GLU A 51 -7.24 -1.02 22.35
CA GLU A 51 -7.74 -1.04 23.71
C GLU A 51 -8.30 -2.42 24.05
N ASN A 52 -7.51 -3.44 23.73
CA ASN A 52 -7.80 -4.84 24.05
C ASN A 52 -8.88 -5.49 23.20
N SER A 53 -10.00 -4.80 23.00
CA SER A 53 -11.19 -5.46 22.49
C SER A 53 -11.98 -4.67 21.44
N LYS A 54 -11.54 -3.45 21.14
CA LYS A 54 -12.31 -2.58 20.24
C LYS A 54 -11.86 -2.68 18.80
N ARG A 55 -12.83 -2.61 17.89
CA ARG A 55 -12.57 -2.70 16.46
C ARG A 55 -12.71 -1.34 15.82
N PRO A 56 -11.73 -0.94 15.01
CA PRO A 56 -11.88 0.27 14.18
C PRO A 56 -13.00 0.06 13.18
N SER A 57 -13.52 1.14 12.62
CA SER A 57 -14.49 1.01 11.52
C SER A 57 -13.84 0.28 10.36
N GLY A 58 -14.59 -0.62 9.73
CA GLY A 58 -14.09 -1.33 8.58
C GLY A 58 -13.66 -2.75 8.90
N ILE A 59 -13.37 -3.01 10.17
CA ILE A 59 -12.97 -4.34 10.60
C ILE A 59 -14.22 -5.16 10.97
N PRO A 60 -14.42 -6.29 10.30
CA PRO A 60 -15.64 -7.07 10.55
C PRO A 60 -15.66 -7.68 11.93
N ASP A 61 -16.88 -7.96 12.43
CA ASP A 61 -17.07 -8.41 13.79
C ASP A 61 -16.56 -9.82 14.06
N ARG A 62 -16.10 -10.52 13.03
CA ARG A 62 -15.58 -11.85 13.27
C ARG A 62 -14.14 -11.80 13.80
N PHE A 63 -13.57 -10.60 13.84
CA PHE A 63 -12.31 -10.38 14.55
C PHE A 63 -12.64 -9.89 15.96
N SER A 64 -12.00 -10.48 16.96
CA SER A 64 -12.23 -10.01 18.33
C SER A 64 -10.95 -10.03 19.13
N GLY A 65 -10.93 -9.28 20.21
CA GLY A 65 -9.78 -9.29 21.10
C GLY A 65 -10.18 -9.31 22.55
N SER A 66 -9.31 -9.91 23.37
CA SER A 66 -9.50 -9.88 24.80
C SER A 66 -8.15 -9.83 25.51
N ARG A 67 -8.18 -9.50 26.79
CA ARG A 67 -6.98 -9.43 27.59
C ARG A 67 -7.32 -9.99 28.96
N SER A 68 -6.40 -10.76 29.52
CA SER A 68 -6.54 -11.28 30.86
C SER A 68 -5.17 -11.42 31.49
N GLY A 69 -5.01 -10.85 32.68
CA GLY A 69 -3.75 -10.94 33.39
C GLY A 69 -2.67 -10.20 32.63
N THR A 70 -1.66 -10.93 32.20
CA THR A 70 -0.57 -10.38 31.41
C THR A 70 -0.54 -11.05 30.05
N SER A 71 -1.71 -11.46 29.57
CA SER A 71 -1.81 -12.07 28.25
C SER A 71 -2.97 -11.47 27.48
N ALA A 72 -2.97 -11.67 26.17
CA ALA A 72 -4.05 -11.18 25.32
C ALA A 72 -4.35 -12.21 24.24
N THR A 73 -5.52 -12.09 23.64
CA THR A 73 -5.94 -13.08 22.66
C THR A 73 -6.64 -12.40 21.49
N LEU A 74 -6.26 -12.77 20.27
CA LEU A 74 -7.01 -12.40 19.08
C LEU A 74 -7.85 -13.58 18.63
N GLY A 75 -9.14 -13.35 18.40
CA GLY A 75 -10.00 -14.40 17.88
C GLY A 75 -10.45 -14.09 16.46
N ILE A 76 -10.46 -15.11 15.59
CA ILE A 76 -10.96 -14.93 14.23
C ILE A 76 -11.93 -16.06 13.94
N ILE A 77 -13.15 -15.69 13.60
CA ILE A 77 -14.19 -16.64 13.26
C ILE A 77 -14.48 -16.57 11.78
N GLY A 78 -15.02 -17.65 11.22
CA GLY A 78 -15.42 -17.65 9.83
C GLY A 78 -14.27 -17.44 8.88
N LEU A 79 -13.20 -18.20 9.06
CA LEU A 79 -11.98 -18.00 8.26
C LEU A 79 -12.23 -17.98 6.76
N GLN A 80 -11.66 -16.98 6.10
CA GLN A 80 -11.73 -16.84 4.64
C GLN A 80 -10.30 -16.84 4.13
N THR A 81 -10.10 -17.24 2.88
CA THR A 81 -8.74 -17.27 2.34
C THR A 81 -8.03 -15.91 2.52
N GLY A 82 -8.79 -14.83 2.36
CA GLY A 82 -8.24 -13.49 2.48
C GLY A 82 -7.70 -13.13 3.84
N ASP A 83 -8.00 -13.95 4.84
CA ASP A 83 -7.53 -13.70 6.19
C ASP A 83 -6.08 -14.14 6.35
N GLU A 84 -5.56 -14.91 5.39
CA GLU A 84 -4.17 -15.33 5.47
C GLU A 84 -3.26 -14.11 5.50
N ALA A 85 -2.39 -14.05 6.49
CA ALA A 85 -1.60 -12.85 6.79
C ALA A 85 -0.73 -13.11 8.02
N GLU A 86 0.11 -12.13 8.35
CA GLU A 86 0.86 -12.17 9.59
C GLU A 86 0.13 -11.29 10.60
N TYR A 87 -0.08 -11.79 11.81
CA TYR A 87 -0.79 -11.04 12.83
C TYR A 87 0.14 -10.69 13.97
N TYR A 88 0.08 -9.44 14.42
CA TYR A 88 0.95 -8.94 15.49
C TYR A 88 0.16 -8.33 16.61
N CYS A 89 0.59 -8.59 17.85
CA CYS A 89 0.11 -7.83 19.02
C CYS A 89 1.15 -6.79 19.42
N ALA A 90 0.70 -5.76 20.12
CA ALA A 90 1.59 -4.68 20.56
C ALA A 90 1.02 -3.96 21.76
N THR A 91 1.91 -3.41 22.57
CA THR A 91 1.51 -2.45 23.59
C THR A 91 2.75 -1.72 24.08
N TRP A 92 2.56 -0.82 25.06
CA TRP A 92 3.67 -0.10 25.67
C TRP A 92 4.32 -0.94 26.75
N ASP A 93 5.65 -0.89 26.82
CA ASP A 93 6.38 -1.61 27.87
C ASP A 93 7.10 -0.62 28.76
N GLY A 94 7.28 -0.99 30.03
CA GLY A 94 7.90 -0.07 30.99
C GLY A 94 9.36 0.21 30.70
N SER A 95 9.94 -0.50 29.75
CA SER A 95 11.29 -0.19 29.28
C SER A 95 11.27 1.07 28.41
N LEU A 96 10.08 1.63 28.26
CA LEU A 96 9.84 2.94 27.63
C LEU A 96 9.86 2.87 26.11
N ARG A 97 9.01 1.99 25.58
CA ARG A 97 8.90 1.82 24.13
C ARG A 97 7.67 1.00 23.82
N THR A 98 7.16 1.12 22.60
CA THR A 98 6.12 0.20 22.16
C THR A 98 6.83 -1.09 21.75
N VAL A 99 6.26 -2.23 22.11
CA VAL A 99 6.83 -3.50 21.74
C VAL A 99 5.79 -4.31 20.93
N PHE A 100 6.27 -5.06 19.95
CA PHE A 100 5.44 -5.96 19.15
C PHE A 100 5.77 -7.41 19.45
N GLY A 101 4.76 -8.27 19.44
CA GLY A 101 5.02 -9.71 19.34
C GLY A 101 5.74 -10.06 18.05
N GLY A 102 6.32 -11.25 18.00
CA GLY A 102 7.13 -11.65 16.86
C GLY A 102 6.32 -11.97 15.62
N GLY A 103 5.01 -12.02 15.76
CA GLY A 103 4.13 -12.31 14.65
C GLY A 103 3.68 -13.77 14.54
N THR A 104 2.43 -13.95 14.13
CA THR A 104 1.86 -15.27 13.91
C THR A 104 1.38 -15.36 12.47
N LYS A 105 1.87 -16.35 11.73
CA LYS A 105 1.38 -16.57 10.36
C LYS A 105 0.09 -17.36 10.44
N LEU A 106 -1.00 -16.80 9.90
CA LEU A 106 -2.25 -17.56 9.81
C LEU A 106 -2.39 -18.19 8.44
N THR A 107 -2.58 -19.50 8.40
CA THR A 107 -2.80 -20.21 7.16
C THR A 107 -4.23 -20.73 7.17
N VAL A 108 -4.93 -20.50 6.07
CA VAL A 108 -6.26 -21.06 5.87
C VAL A 108 -6.10 -22.30 5.03
N LEU A 109 -6.21 -23.46 5.66
CA LEU A 109 -5.83 -24.74 5.07
C LEU A 109 -6.55 -25.03 3.75
N SER A 110 -5.77 -25.17 2.68
CA SER A 110 -6.32 -25.44 1.36
C SER A 110 -5.73 -26.70 0.73
N GLN A 111 -4.90 -27.40 1.49
CA GLN A 111 -4.34 -28.67 1.02
C GLN A 111 -3.81 -29.45 2.22
N PRO A 112 -3.41 -30.71 1.99
CA PRO A 112 -3.00 -31.51 3.14
C PRO A 112 -1.76 -30.94 3.79
N LYS A 113 -1.68 -31.02 5.12
CA LYS A 113 -0.45 -30.65 5.80
C LYS A 113 0.66 -31.56 5.30
N ALA A 114 1.87 -31.01 5.15
CA ALA A 114 2.99 -31.78 4.64
C ALA A 114 4.25 -31.42 5.40
N ALA A 115 4.97 -32.43 5.88
CA ALA A 115 6.22 -32.19 6.60
C ALA A 115 7.34 -31.85 5.63
N PRO A 116 8.32 -31.07 6.11
CA PRO A 116 9.40 -30.64 5.22
C PRO A 116 10.36 -31.78 4.87
N SER A 117 10.88 -31.74 3.66
CA SER A 117 12.04 -32.53 3.28
C SER A 117 13.26 -31.66 3.58
N VAL A 118 14.29 -32.25 4.20
CA VAL A 118 15.47 -31.49 4.59
C VAL A 118 16.70 -32.09 3.94
N THR A 119 17.53 -31.24 3.33
CA THR A 119 18.81 -31.68 2.79
C THR A 119 19.88 -30.77 3.36
N LEU A 120 20.91 -31.38 3.93
CA LEU A 120 21.99 -30.61 4.55
C LEU A 120 23.34 -30.89 3.88
N PHE A 121 24.01 -29.83 3.46
CA PHE A 121 25.33 -29.96 2.84
C PHE A 121 26.38 -29.35 3.74
N PRO A 122 27.51 -30.05 3.91
CA PRO A 122 28.68 -29.54 4.62
C PRO A 122 29.42 -28.50 3.77
N PRO A 123 30.41 -27.80 4.35
CA PRO A 123 31.21 -26.89 3.54
C PRO A 123 31.97 -27.69 2.49
N SER A 124 32.09 -27.14 1.28
CA SER A 124 32.84 -27.78 0.21
C SER A 124 34.34 -27.64 0.44
N SER A 125 35.13 -28.54 -0.13
CA SER A 125 36.57 -28.40 0.01
C SER A 125 37.03 -27.10 -0.66
N GLU A 126 36.33 -26.69 -1.70
CA GLU A 126 36.64 -25.43 -2.39
C GLU A 126 36.45 -24.21 -1.48
N GLU A 127 35.33 -24.15 -0.76
CA GLU A 127 35.11 -23.05 0.16
C GLU A 127 36.16 -23.08 1.27
N LEU A 128 36.44 -24.28 1.78
CA LEU A 128 37.41 -24.42 2.86
C LEU A 128 38.79 -23.92 2.44
N GLN A 129 39.10 -24.03 1.15
CA GLN A 129 40.37 -23.52 0.62
C GLN A 129 40.39 -22.00 0.55
N ALA A 130 39.22 -21.39 0.60
CA ALA A 130 39.12 -19.93 0.71
C ALA A 130 39.01 -19.50 2.16
N ASN A 131 39.32 -20.40 3.08
CA ASN A 131 39.26 -20.10 4.52
C ASN A 131 37.88 -19.69 5.00
N LYS A 132 36.85 -20.27 4.40
CA LYS A 132 35.47 -20.02 4.81
C LYS A 132 34.75 -21.36 4.93
N ALA A 133 33.58 -21.34 5.56
CA ALA A 133 32.78 -22.54 5.70
C ALA A 133 31.33 -22.16 5.89
N THR A 134 30.47 -22.73 5.04
CA THR A 134 29.03 -22.49 5.12
C THR A 134 28.32 -23.84 5.11
N LEU A 135 27.46 -24.07 6.09
CA LEU A 135 26.59 -25.23 6.07
C LEU A 135 25.28 -24.77 5.45
N VAL A 136 24.74 -25.58 4.53
CA VAL A 136 23.55 -25.20 3.77
C VAL A 136 22.41 -26.16 4.04
N CYS A 137 21.33 -25.65 4.62
CA CYS A 137 20.18 -26.48 4.97
C CYS A 137 18.98 -26.11 4.11
N LEU A 138 18.58 -27.03 3.24
CA LEU A 138 17.55 -26.75 2.24
C LEU A 138 16.27 -27.46 2.63
N ILE A 139 15.18 -26.70 2.71
CA ILE A 139 13.95 -27.18 3.31
C ILE A 139 12.82 -27.02 2.30
N SER A 140 12.13 -28.10 1.96
CA SER A 140 11.15 -28.01 0.87
C SER A 140 9.89 -28.81 1.08
N ASP A 141 8.92 -28.57 0.21
CA ASP A 141 7.66 -29.30 0.18
C ASP A 141 6.91 -29.36 1.52
N PHE A 142 6.89 -28.24 2.27
CA PHE A 142 6.11 -28.22 3.51
C PHE A 142 4.88 -27.34 3.42
N TYR A 143 3.86 -27.67 4.23
CA TYR A 143 2.64 -26.89 4.29
C TYR A 143 1.96 -27.20 5.63
N PRO A 144 1.52 -26.17 6.35
CA PRO A 144 1.60 -24.73 6.08
C PRO A 144 3.02 -24.21 5.95
N GLY A 145 3.16 -23.01 5.42
CA GLY A 145 4.46 -22.43 5.12
C GLY A 145 5.07 -21.72 6.30
N ALA A 146 5.35 -22.47 7.36
CA ALA A 146 6.03 -21.93 8.52
C ALA A 146 6.89 -23.02 9.12
N VAL A 147 8.16 -22.72 9.38
CA VAL A 147 9.04 -23.65 10.06
C VAL A 147 9.89 -22.86 11.03
N THR A 148 10.43 -23.58 12.02
CA THR A 148 11.43 -23.02 12.91
C THR A 148 12.68 -23.86 12.73
N VAL A 149 13.82 -23.20 12.59
CA VAL A 149 15.08 -23.92 12.38
C VAL A 149 16.02 -23.76 13.58
N ALA A 150 16.59 -24.87 14.03
CA ALA A 150 17.57 -24.83 15.11
C ALA A 150 18.81 -25.57 14.65
N TRP A 151 19.98 -25.03 14.97
CA TRP A 151 21.22 -25.70 14.60
C TRP A 151 21.91 -26.21 15.84
N LYS A 152 22.57 -27.36 15.73
CA LYS A 152 23.33 -27.91 16.84
C LYS A 152 24.77 -28.12 16.41
N ALA A 153 25.71 -27.80 17.29
CA ALA A 153 27.12 -28.15 17.06
C ALA A 153 27.40 -29.25 18.06
N ASP A 154 27.77 -30.42 17.57
CA ASP A 154 27.74 -31.62 18.39
C ASP A 154 26.33 -31.72 18.98
N SER A 155 26.21 -31.64 20.30
CA SER A 155 24.89 -31.70 20.91
C SER A 155 24.41 -30.36 21.50
N SER A 156 25.13 -29.28 21.18
CA SER A 156 24.88 -27.98 21.78
C SER A 156 24.22 -27.00 20.81
N PRO A 157 23.30 -26.17 21.31
CA PRO A 157 22.70 -25.18 20.42
C PRO A 157 23.71 -24.17 19.88
N VAL A 158 23.57 -23.79 18.60
CA VAL A 158 24.29 -22.64 18.07
C VAL A 158 23.30 -21.52 17.74
N ARG A 159 23.70 -20.28 18.01
CA ARG A 159 22.86 -19.14 17.65
C ARG A 159 23.57 -18.22 16.66
N ALA A 160 24.84 -17.97 16.93
CA ALA A 160 25.60 -17.06 16.09
C ALA A 160 25.83 -17.68 14.73
N GLY A 161 25.75 -16.87 13.68
CA GLY A 161 26.10 -17.29 12.34
C GLY A 161 24.95 -17.86 11.52
N VAL A 162 23.75 -17.89 12.07
CA VAL A 162 22.59 -18.45 11.36
C VAL A 162 21.76 -17.39 10.63
N GLU A 163 21.49 -17.63 9.35
CA GLU A 163 20.61 -16.77 8.57
C GLU A 163 19.62 -17.67 7.85
N THR A 164 18.32 -17.42 8.06
CA THR A 164 17.29 -18.28 7.53
C THR A 164 16.30 -17.46 6.70
N THR A 165 15.95 -17.96 5.52
CA THR A 165 15.02 -17.22 4.66
C THR A 165 13.57 -17.38 5.08
N THR A 166 12.76 -16.47 4.57
CA THR A 166 11.32 -16.59 4.72
C THR A 166 10.87 -17.73 3.83
N PRO A 167 9.82 -18.44 4.24
CA PRO A 167 9.31 -19.48 3.34
C PRO A 167 8.72 -18.86 2.07
N SER A 168 8.92 -19.54 0.95
CA SER A 168 8.38 -19.08 -0.32
C SER A 168 7.55 -20.17 -0.96
N LYS A 169 6.51 -19.77 -1.67
CA LYS A 169 5.60 -20.73 -2.27
C LYS A 169 6.24 -21.37 -3.49
N GLN A 170 6.21 -22.69 -3.53
CA GLN A 170 6.73 -23.45 -4.66
C GLN A 170 5.68 -23.53 -5.77
N SER A 171 6.09 -24.00 -6.94
CA SER A 171 5.14 -24.16 -8.05
C SER A 171 4.01 -25.10 -7.66
N ASN A 172 4.32 -26.04 -6.78
CA ASN A 172 3.32 -27.02 -6.36
C ASN A 172 2.49 -26.58 -5.16
N ASN A 173 2.61 -25.31 -4.79
CA ASN A 173 1.80 -24.71 -3.71
C ASN A 173 2.22 -25.08 -2.28
N LYS A 174 3.22 -25.96 -2.16
CA LYS A 174 3.86 -26.17 -0.86
C LYS A 174 4.96 -25.13 -0.74
N TYR A 175 5.75 -25.18 0.32
CA TYR A 175 6.69 -24.10 0.59
C TYR A 175 8.14 -24.56 0.70
N ALA A 176 9.06 -23.62 0.48
CA ALA A 176 10.48 -23.87 0.58
C ALA A 176 11.15 -22.80 1.44
N ALA A 177 12.26 -23.16 2.08
CA ALA A 177 13.09 -22.18 2.76
C ALA A 177 14.50 -22.70 2.83
N SER A 178 15.45 -21.84 3.15
CA SER A 178 16.79 -22.33 3.41
C SER A 178 17.42 -21.63 4.61
N SER A 179 18.36 -22.33 5.22
CA SER A 179 19.04 -21.80 6.40
C SER A 179 20.53 -22.04 6.23
N TYR A 180 21.30 -20.98 6.46
CA TYR A 180 22.75 -20.98 6.26
C TYR A 180 23.44 -20.76 7.58
N LEU A 181 24.44 -21.60 7.88
CA LEU A 181 25.24 -21.43 9.07
C LEU A 181 26.66 -21.14 8.64
N SER A 182 27.12 -19.92 8.92
CA SER A 182 28.48 -19.55 8.63
C SER A 182 29.40 -19.89 9.79
N LEU A 183 30.48 -20.60 9.49
CA LEU A 183 31.47 -20.99 10.50
C LEU A 183 32.87 -20.70 10.01
N THR A 184 33.83 -20.67 10.93
CA THR A 184 35.22 -20.72 10.51
C THR A 184 35.61 -22.17 10.22
N PRO A 185 36.64 -22.37 9.41
CA PRO A 185 37.09 -23.74 9.18
C PRO A 185 37.46 -24.43 10.49
N GLU A 186 38.01 -23.69 11.46
CA GLU A 186 38.36 -24.32 12.73
C GLU A 186 37.14 -24.85 13.46
N GLN A 187 36.05 -24.09 13.48
CA GLN A 187 34.82 -24.56 14.13
C GLN A 187 34.30 -25.81 13.44
N TRP A 188 34.28 -25.77 12.12
CA TRP A 188 33.79 -26.90 11.34
C TRP A 188 34.61 -28.15 11.66
N LYS A 189 35.93 -27.98 11.69
CA LYS A 189 36.83 -29.13 11.88
C LYS A 189 36.86 -29.62 13.31
N SER A 190 36.48 -28.76 14.24
CA SER A 190 36.65 -29.04 15.68
C SER A 190 35.40 -29.55 16.39
N HIS A 191 34.31 -29.69 15.64
CA HIS A 191 33.15 -30.41 16.16
C HIS A 191 33.06 -31.74 15.43
N ARG A 192 32.43 -32.72 16.08
CA ARG A 192 32.31 -34.02 15.46
C ARG A 192 31.18 -34.03 14.44
N SER A 193 30.20 -33.16 14.65
CA SER A 193 29.12 -33.01 13.68
C SER A 193 28.36 -31.72 13.91
N TYR A 194 27.58 -31.33 12.91
CA TYR A 194 26.61 -30.25 13.06
C TYR A 194 25.27 -30.76 12.56
N SER A 195 24.18 -30.24 13.13
CA SER A 195 22.85 -30.68 12.74
C SER A 195 21.96 -29.49 12.42
N CYS A 196 21.13 -29.65 11.39
CA CYS A 196 20.06 -28.71 11.09
C CYS A 196 18.76 -29.38 11.46
N GLN A 197 18.03 -28.78 12.40
CA GLN A 197 16.78 -29.35 12.91
C GLN A 197 15.63 -28.44 12.53
N VAL A 198 14.71 -28.96 11.74
CA VAL A 198 13.59 -28.17 11.24
C VAL A 198 12.29 -28.64 11.87
N THR A 199 11.64 -27.77 12.63
CA THR A 199 10.39 -28.11 13.28
C THR A 199 9.21 -27.52 12.53
N HIS A 200 8.21 -28.36 12.27
CA HIS A 200 7.02 -28.00 11.49
C HIS A 200 5.83 -28.75 12.08
N GLU A 201 4.80 -28.00 12.46
CA GLU A 201 3.62 -28.60 13.05
C GLU A 201 4.00 -29.49 14.23
N GLY A 202 4.94 -29.01 15.04
CA GLY A 202 5.37 -29.70 16.25
C GLY A 202 6.16 -30.98 16.05
N SER A 203 6.59 -31.26 14.82
CA SER A 203 7.40 -32.43 14.54
C SER A 203 8.71 -32.00 13.90
N THR A 204 9.82 -32.55 14.38
CA THR A 204 11.14 -32.09 13.97
C THR A 204 11.83 -33.08 13.04
N VAL A 205 12.26 -32.58 11.88
CA VAL A 205 13.06 -33.36 10.95
C VAL A 205 14.47 -32.83 11.07
N GLU A 206 15.46 -33.70 11.26
CA GLU A 206 16.81 -33.20 11.36
C GLU A 206 17.78 -33.94 10.46
N LYS A 207 18.80 -33.23 10.01
CA LYS A 207 19.87 -33.84 9.24
C LYS A 207 21.20 -33.49 9.91
N THR A 208 22.20 -34.36 9.74
CA THR A 208 23.51 -34.15 10.35
C THR A 208 24.63 -34.39 9.33
N VAL A 209 25.67 -33.56 9.40
CA VAL A 209 26.87 -33.78 8.58
C VAL A 209 28.11 -33.69 9.45
N ALA A 210 29.22 -34.23 8.95
CA ALA A 210 30.45 -34.26 9.74
C ALA A 210 31.65 -34.09 8.83
N PRO A 211 32.75 -33.54 9.36
CA PRO A 211 33.94 -33.31 8.53
C PRO A 211 34.51 -34.61 8.02
N THR A 212 34.88 -34.65 6.73
CA THR A 212 35.40 -35.87 6.13
C THR A 212 36.27 -35.56 4.93
N GLU A 213 37.49 -36.10 4.93
CA GLU A 213 38.41 -35.89 3.82
C GLU A 213 39.11 -37.19 3.41
N CYS A 214 40.18 -37.06 2.64
CA CYS A 214 40.92 -38.21 2.14
C CYS A 214 42.33 -38.27 2.73
N GLN B 1 -9.41 9.98 5.84
CA GLN B 1 -8.95 10.73 4.68
C GLN B 1 -7.54 11.24 4.88
N VAL B 2 -7.03 11.12 6.10
CA VAL B 2 -5.67 11.53 6.37
C VAL B 2 -4.75 10.49 5.73
N GLN B 3 -3.72 10.96 5.02
CA GLN B 3 -2.76 10.05 4.40
C GLN B 3 -1.34 10.42 4.82
N LEU B 4 -0.50 9.39 4.96
CA LEU B 4 0.89 9.56 5.31
C LEU B 4 1.76 9.04 4.19
N GLN B 5 2.81 9.79 3.88
CA GLN B 5 3.72 9.40 2.80
C GLN B 5 5.17 9.58 3.21
N GLU B 6 5.94 8.49 3.17
CA GLU B 6 7.36 8.55 3.46
C GLU B 6 8.17 9.06 2.28
N SER B 7 9.27 9.77 2.58
CA SER B 7 10.25 10.12 1.56
C SER B 7 11.64 9.78 2.07
N GLY B 8 12.45 9.09 1.26
CA GLY B 8 13.74 8.60 1.70
C GLY B 8 14.63 8.26 0.53
N PRO B 9 15.93 8.06 0.78
CA PRO B 9 16.98 7.98 -0.25
C PRO B 9 17.07 6.63 -0.99
N GLY B 10 16.50 5.59 -0.40
CA GLY B 10 16.62 4.26 -0.96
C GLY B 10 17.87 3.54 -0.48
N LEU B 11 19.03 4.02 -0.93
CA LEU B 11 20.32 3.43 -0.56
C LEU B 11 21.06 4.38 0.37
N VAL B 12 21.67 3.84 1.42
CA VAL B 12 22.53 4.61 2.30
C VAL B 12 23.83 3.85 2.53
N LYS B 13 24.96 4.55 2.47
CA LYS B 13 26.26 3.93 2.73
C LYS B 13 26.42 3.59 4.20
N PRO B 14 27.00 2.43 4.50
CA PRO B 14 27.28 2.13 5.91
C PRO B 14 28.10 3.22 6.60
N SER B 15 27.79 3.44 7.88
CA SER B 15 28.41 4.46 8.74
C SER B 15 27.81 5.86 8.55
N GLU B 16 27.06 6.08 7.48
CA GLU B 16 26.48 7.38 7.22
C GLU B 16 25.09 7.52 7.85
N THR B 17 24.45 8.67 7.66
CA THR B 17 23.18 8.94 8.32
C THR B 17 22.00 8.70 7.39
N LEU B 18 21.02 7.97 7.88
CA LEU B 18 19.75 7.76 7.17
C LEU B 18 18.78 8.87 7.57
N SER B 19 18.22 9.55 6.59
CA SER B 19 17.23 10.60 6.85
C SER B 19 15.94 10.28 6.12
N LEU B 20 14.84 10.25 6.87
CA LEU B 20 13.52 10.10 6.26
C LEU B 20 12.56 11.22 6.68
N THR B 21 11.58 11.47 5.83
CA THR B 21 10.53 12.43 6.16
C THR B 21 9.18 11.79 5.92
N CYS B 22 8.19 12.18 6.70
CA CYS B 22 6.81 11.74 6.49
C CYS B 22 5.95 12.97 6.28
N THR B 23 5.16 12.98 5.22
CA THR B 23 4.24 14.08 4.94
C THR B 23 2.81 13.65 5.25
N VAL B 24 2.14 14.46 6.07
CA VAL B 24 0.75 14.21 6.43
C VAL B 24 -0.14 15.09 5.58
N SER B 25 -1.11 14.49 4.90
CA SER B 25 -2.02 15.28 4.08
C SER B 25 -3.47 14.93 4.40
N GLY B 26 -4.37 15.89 4.21
CA GLY B 26 -5.77 15.64 4.49
C GLY B 26 -6.01 15.60 5.99
N GLY B 27 -5.01 16.06 6.73
CA GLY B 27 -5.03 16.10 8.18
C GLY B 27 -3.85 16.95 8.61
N SER B 28 -3.49 16.84 9.87
CA SER B 28 -2.38 17.65 10.37
C SER B 28 -1.63 16.97 11.50
N ILE B 29 -0.39 17.40 11.67
CA ILE B 29 0.48 16.92 12.75
C ILE B 29 -0.08 17.37 14.09
N SER B 30 -0.61 18.59 14.12
CA SER B 30 -1.23 19.16 15.32
C SER B 30 -2.09 18.18 16.12
N GLY B 31 -1.82 18.09 17.43
CA GLY B 31 -2.66 17.29 18.31
C GLY B 31 -2.39 15.80 18.36
N PHE B 32 -1.34 15.35 17.69
CA PHE B 32 -1.04 13.93 17.69
C PHE B 32 0.42 13.63 18.01
N HIS B 33 0.67 12.39 18.44
CA HIS B 33 2.01 11.83 18.50
C HIS B 33 2.24 10.98 17.25
N TRP B 34 3.48 11.00 16.77
CA TRP B 34 3.84 10.40 15.50
C TRP B 34 5.06 9.52 15.68
N SER B 35 5.09 8.39 14.97
CA SER B 35 6.17 7.43 15.13
C SER B 35 6.77 6.93 13.84
N TRP B 36 7.97 6.35 13.96
CA TRP B 36 8.56 5.56 12.89
C TRP B 36 8.60 4.12 13.39
N ILE B 37 8.30 3.18 12.51
CA ILE B 37 8.40 1.74 12.81
C ILE B 37 9.11 1.09 11.63
N ARG B 38 10.00 0.15 11.88
CA ARG B 38 10.70 -0.46 10.76
C ARG B 38 10.57 -1.97 10.78
N GLN B 39 10.84 -2.58 9.63
CA GLN B 39 10.71 -4.01 9.47
C GLN B 39 11.76 -4.52 8.49
N PRO B 40 12.82 -5.15 9.00
CA PRO B 40 13.79 -5.74 8.07
C PRO B 40 13.07 -6.79 7.21
N PRO B 41 13.56 -7.02 5.99
CA PRO B 41 12.86 -7.97 5.10
C PRO B 41 12.73 -9.36 5.73
N GLY B 42 11.50 -9.84 5.83
CA GLY B 42 11.23 -11.15 6.39
C GLY B 42 11.18 -11.21 7.90
N LYS B 43 11.37 -10.07 8.56
CA LYS B 43 11.43 -10.06 10.02
C LYS B 43 10.27 -9.29 10.65
N GLY B 44 10.39 -9.04 11.95
CA GLY B 44 9.30 -8.43 12.70
C GLY B 44 9.34 -6.92 12.71
N LEU B 45 8.41 -6.33 13.44
CA LEU B 45 8.25 -4.88 13.51
C LEU B 45 9.00 -4.33 14.71
N GLU B 46 9.71 -3.22 14.51
CA GLU B 46 10.42 -2.54 15.60
C GLU B 46 10.02 -1.07 15.65
N TYR B 47 9.43 -0.65 16.77
CA TYR B 47 9.15 0.76 17.02
C TYR B 47 10.43 1.53 17.28
N ILE B 48 10.54 2.70 16.66
CA ILE B 48 11.73 3.51 16.78
C ILE B 48 11.60 4.64 17.80
N GLY B 49 10.44 5.29 17.82
CA GLY B 49 10.24 6.38 18.76
C GLY B 49 8.97 7.13 18.44
N TYR B 50 8.66 8.13 19.25
CA TYR B 50 7.54 9.01 18.95
C TYR B 50 7.92 10.46 19.15
N ILE B 51 7.21 11.34 18.45
CA ILE B 51 7.37 12.76 18.66
C ILE B 51 5.98 13.40 18.71
N TYR B 52 5.75 14.29 19.69
CA TYR B 52 4.47 14.98 19.82
C TYR B 52 4.53 16.21 18.92
N TYR B 53 3.36 16.77 18.56
CA TYR B 53 3.34 17.89 17.62
C TYR B 53 4.15 19.08 18.14
N SER B 54 4.21 19.20 19.46
CA SER B 54 4.90 20.31 20.12
C SER B 54 6.42 20.10 20.21
N GLY B 55 6.88 18.87 19.93
CA GLY B 55 8.30 18.63 19.76
C GLY B 55 8.93 17.65 20.75
N SER B 56 8.21 17.32 21.81
CA SER B 56 8.73 16.38 22.79
C SER B 56 8.86 14.98 22.17
N THR B 57 9.89 14.25 22.57
CA THR B 57 10.18 12.96 21.96
C THR B 57 10.36 11.86 23.00
N SER B 58 10.33 10.62 22.51
CA SER B 58 10.73 9.46 23.28
C SER B 58 11.26 8.45 22.29
N TYR B 59 12.45 7.91 22.56
CA TYR B 59 13.07 6.98 21.62
C TYR B 59 13.27 5.59 22.22
N ASN B 60 13.15 4.58 21.37
CA ASN B 60 13.48 3.21 21.75
C ASN B 60 14.89 3.17 22.30
N PRO B 61 15.07 2.65 23.52
CA PRO B 61 16.40 2.61 24.13
C PRO B 61 17.43 1.89 23.27
N SER B 62 16.98 0.94 22.45
CA SER B 62 17.89 0.17 21.62
C SER B 62 18.55 1.06 20.57
N LEU B 63 17.97 2.23 20.33
CA LEU B 63 18.42 3.10 19.27
C LEU B 63 18.87 4.48 19.76
N LYS B 64 18.80 4.70 21.07
CA LYS B 64 19.02 6.02 21.66
C LYS B 64 20.36 6.67 21.27
N SER B 65 21.36 5.87 20.99
CA SER B 65 22.68 6.44 20.74
C SER B 65 22.82 6.90 19.30
N ARG B 66 21.78 6.68 18.50
CA ARG B 66 21.88 6.95 17.06
C ARG B 66 20.72 7.73 16.45
N VAL B 67 19.60 7.80 17.15
CA VAL B 67 18.37 8.30 16.53
C VAL B 67 17.93 9.66 17.04
N SER B 68 17.32 10.44 16.14
CA SER B 68 16.56 11.60 16.56
C SER B 68 15.39 11.80 15.62
N MET B 69 14.40 12.54 16.08
CA MET B 69 13.25 12.86 15.27
C MET B 69 12.96 14.34 15.42
N SER B 70 12.35 14.93 14.40
CA SER B 70 11.96 16.33 14.45
C SER B 70 10.61 16.50 13.82
N VAL B 71 9.98 17.64 14.06
CA VAL B 71 8.66 17.88 13.53
C VAL B 71 8.61 19.28 12.92
N ASP B 72 7.96 19.40 11.77
CA ASP B 72 7.75 20.69 11.13
C ASP B 72 6.25 20.88 10.97
N THR B 73 5.60 21.37 12.03
CA THR B 73 4.15 21.48 12.02
C THR B 73 3.67 22.37 10.87
N SER B 74 4.54 23.27 10.42
CA SER B 74 4.17 24.20 9.36
C SER B 74 4.01 23.52 8.00
N ARG B 75 4.80 22.48 7.76
CA ARG B 75 4.74 21.73 6.52
C ARG B 75 3.94 20.46 6.73
N ASN B 76 3.44 20.26 7.95
CA ASN B 76 2.80 19.00 8.31
C ASN B 76 3.68 17.80 8.00
N GLN B 77 4.93 17.90 8.43
CA GLN B 77 5.88 16.81 8.23
C GLN B 77 6.55 16.48 9.53
N PHE B 78 7.06 15.26 9.64
CA PHE B 78 8.00 14.92 10.70
C PHE B 78 9.09 14.02 10.13
N SER B 79 10.22 13.93 10.82
CA SER B 79 11.39 13.32 10.22
C SER B 79 12.12 12.39 11.16
N LEU B 80 12.98 11.58 10.57
CA LEU B 80 13.81 10.63 11.29
C LEU B 80 15.25 10.83 10.84
N GLU B 81 16.19 10.81 11.78
CA GLU B 81 17.60 10.73 11.45
C GLU B 81 18.21 9.58 12.24
N LEU B 82 18.82 8.64 11.54
CA LEU B 82 19.46 7.50 12.20
C LEU B 82 20.92 7.44 11.77
N SER B 83 21.82 7.65 12.73
CA SER B 83 23.24 7.74 12.41
C SER B 83 23.95 6.39 12.38
N SER B 84 25.15 6.41 11.80
CA SER B 84 26.07 5.27 11.86
C SER B 84 25.41 3.97 11.42
N VAL B 85 24.73 3.99 10.28
CA VAL B 85 23.94 2.82 9.89
C VAL B 85 24.80 1.63 9.46
N THR B 86 24.25 0.44 9.64
CA THR B 86 24.87 -0.78 9.13
C THR B 86 23.79 -1.59 8.44
N ALA B 87 24.15 -2.75 7.92
CA ALA B 87 23.20 -3.64 7.26
C ALA B 87 22.03 -4.05 8.17
N ALA B 88 22.23 -3.96 9.48
CA ALA B 88 21.17 -4.28 10.44
C ALA B 88 20.02 -3.27 10.33
N ASP B 89 20.31 -2.13 9.69
CA ASP B 89 19.30 -1.08 9.51
C ASP B 89 18.53 -1.16 8.19
N THR B 90 18.89 -2.11 7.35
CA THR B 90 18.16 -2.37 6.11
C THR B 90 16.76 -2.85 6.45
N ALA B 91 15.75 -2.14 5.97
CA ALA B 91 14.38 -2.40 6.41
C ALA B 91 13.42 -1.51 5.67
N VAL B 92 12.15 -1.89 5.67
CA VAL B 92 11.10 -0.98 5.27
C VAL B 92 10.77 -0.10 6.45
N TYR B 93 10.78 1.22 6.25
CA TYR B 93 10.47 2.18 7.31
C TYR B 93 9.07 2.77 7.11
N TYR B 94 8.25 2.68 8.13
CA TYR B 94 6.90 3.25 8.10
C TYR B 94 6.80 4.43 9.02
N CYS B 95 6.09 5.47 8.58
CA CYS B 95 5.62 6.47 9.53
C CYS B 95 4.20 6.13 9.94
N ALA B 96 3.80 6.58 11.12
CA ALA B 96 2.48 6.23 11.65
C ALA B 96 2.00 7.25 12.65
N ARG B 97 0.69 7.25 12.87
CA ARG B 97 0.06 8.08 13.89
C ARG B 97 -0.29 7.21 15.10
N ASP B 98 -0.11 7.76 16.29
CA ASP B 98 -0.14 6.95 17.53
C ASP B 98 -1.39 7.17 18.38
N PHE B 99 -1.71 6.21 19.22
CA PHE B 99 -2.70 6.39 20.26
C PHE B 99 -2.20 5.62 21.48
N GLY B 100 -2.87 5.79 22.62
CA GLY B 100 -2.44 5.11 23.83
C GLY B 100 -2.99 5.79 25.08
N GLU B 101 -2.13 6.00 26.06
CA GLU B 101 -2.58 6.53 27.34
C GLU B 101 -1.70 7.72 27.69
N TYR B 102 -2.29 8.78 28.21
CA TYR B 102 -1.51 9.94 28.61
C TYR B 102 -1.56 10.15 30.11
N HIS B 103 -0.40 10.16 30.75
CA HIS B 103 -0.33 10.40 32.18
C HIS B 103 0.16 11.81 32.48
N TYR B 104 -0.47 12.44 33.46
CA TYR B 104 -0.05 13.76 33.89
C TYR B 104 1.05 13.71 34.95
N ASP B 105 1.60 12.53 35.18
CA ASP B 105 2.85 12.45 35.94
C ASP B 105 4.03 12.34 34.97
N GLY B 106 5.15 11.81 35.44
CA GLY B 106 6.35 11.76 34.62
C GLY B 106 6.23 10.85 33.42
N ARG B 107 5.23 9.98 33.44
CA ARG B 107 5.07 8.97 32.40
C ARG B 107 4.77 9.59 31.05
N GLY B 108 3.93 10.62 31.05
CA GLY B 108 3.55 11.26 29.81
C GLY B 108 2.81 10.29 28.91
N PHE B 109 3.12 10.33 27.62
CA PHE B 109 2.41 9.50 26.66
C PHE B 109 3.00 8.11 26.58
N GLN B 110 2.13 7.11 26.73
CA GLN B 110 2.49 5.72 26.55
C GLN B 110 1.86 5.25 25.25
N CYS B 111 2.70 4.98 24.26
CA CYS B 111 2.21 4.61 22.94
C CYS B 111 1.79 3.14 22.88
N GLU B 112 0.51 2.88 22.73
CA GLU B 112 -0.03 1.52 22.74
C GLU B 112 -0.32 0.97 21.33
N GLY B 113 -0.31 1.82 20.33
CA GLY B 113 -0.63 1.36 18.99
C GLY B 113 -0.60 2.46 17.95
N PHE B 114 -0.88 2.07 16.70
CA PHE B 114 -0.72 2.91 15.54
C PHE B 114 -1.94 2.72 14.65
N ASP B 115 -2.74 3.76 14.47
CA ASP B 115 -3.98 3.60 13.70
C ASP B 115 -3.84 3.94 12.21
N LEU B 116 -2.97 4.88 11.89
CA LEU B 116 -2.73 5.28 10.50
C LEU B 116 -1.28 4.99 10.16
N TRP B 117 -1.04 4.37 9.01
CA TRP B 117 0.32 4.02 8.57
C TRP B 117 0.56 4.55 7.17
N GLY B 118 1.80 4.95 6.89
CA GLY B 118 2.22 5.19 5.53
C GLY B 118 2.38 3.86 4.79
N GLN B 119 2.82 3.93 3.54
CA GLN B 119 2.94 2.71 2.75
C GLN B 119 4.28 2.04 3.01
N GLY B 120 5.19 2.78 3.62
CA GLY B 120 6.51 2.26 3.91
C GLY B 120 7.49 2.53 2.78
N THR B 121 8.75 2.72 3.14
CA THR B 121 9.80 2.94 2.15
C THR B 121 11.00 2.06 2.48
N LEU B 122 11.50 1.34 1.49
CA LEU B 122 12.67 0.46 1.72
C LEU B 122 13.95 1.28 1.79
N VAL B 123 14.74 1.05 2.83
CA VAL B 123 16.06 1.65 2.93
C VAL B 123 17.08 0.52 2.94
N THR B 124 18.00 0.55 2.00
CA THR B 124 19.00 -0.50 1.90
C THR B 124 20.37 0.09 2.26
N VAL B 125 21.00 -0.47 3.29
CA VAL B 125 22.30 0.01 3.72
C VAL B 125 23.36 -0.86 3.05
N SER B 126 24.05 -0.27 2.08
CA SER B 126 24.95 -0.99 1.20
C SER B 126 25.83 -0.03 0.44
N SER B 127 27.03 -0.47 0.08
CA SER B 127 27.92 0.29 -0.78
C SER B 127 27.40 0.29 -2.22
N ALA B 128 26.53 -0.66 -2.53
CA ALA B 128 25.98 -0.84 -3.87
C ALA B 128 27.01 -1.34 -4.89
N SER B 129 28.16 -1.78 -4.41
CA SER B 129 29.18 -2.37 -5.30
C SER B 129 28.65 -3.59 -6.02
N THR B 130 28.86 -3.67 -7.34
CA THR B 130 28.46 -4.87 -8.07
C THR B 130 29.47 -5.97 -7.77
N LYS B 131 28.99 -7.11 -7.31
CA LYS B 131 29.89 -8.22 -6.97
C LYS B 131 29.37 -9.56 -7.47
N GLY B 132 30.19 -10.24 -8.28
CA GLY B 132 29.83 -11.57 -8.76
C GLY B 132 30.02 -12.61 -7.67
N PRO B 133 29.25 -13.70 -7.77
CA PRO B 133 29.29 -14.75 -6.74
C PRO B 133 30.49 -15.66 -6.89
N SER B 134 30.92 -16.28 -5.79
CA SER B 134 31.72 -17.49 -5.86
C SER B 134 30.74 -18.65 -5.98
N VAL B 135 31.12 -19.68 -6.72
CA VAL B 135 30.21 -20.83 -6.90
C VAL B 135 30.91 -22.08 -6.41
N PHE B 136 30.31 -22.72 -5.41
CA PHE B 136 30.91 -23.91 -4.82
C PHE B 136 30.01 -25.11 -5.11
N PRO B 137 30.62 -26.23 -5.51
CA PRO B 137 29.84 -27.43 -5.76
C PRO B 137 29.50 -28.10 -4.44
N LEU B 138 28.27 -28.59 -4.31
CA LEU B 138 27.83 -29.30 -3.12
C LEU B 138 27.71 -30.78 -3.50
N ALA B 139 28.77 -31.53 -3.21
CA ALA B 139 28.87 -32.91 -3.68
C ALA B 139 27.83 -33.81 -3.02
N PRO B 140 27.33 -34.80 -3.78
CA PRO B 140 26.38 -35.74 -3.17
C PRO B 140 27.08 -36.52 -2.05
N SER B 141 26.36 -36.76 -0.96
CA SER B 141 26.96 -37.47 0.16
C SER B 141 27.19 -38.92 -0.24
N SER B 142 28.16 -39.57 0.40
CA SER B 142 28.41 -40.98 0.12
C SER B 142 27.26 -41.85 0.64
N LYS B 143 26.70 -42.66 -0.24
CA LYS B 143 25.54 -43.49 0.09
C LYS B 143 25.58 -44.85 -0.61
N SER B 144 25.44 -45.92 0.18
CA SER B 144 25.52 -47.28 -0.36
C SER B 144 24.15 -47.95 -0.50
N THR B 145 24.18 -49.26 -0.78
CA THR B 145 22.96 -50.05 -1.00
C THR B 145 22.16 -49.48 -2.16
N SER B 146 22.71 -49.60 -3.36
CA SER B 146 22.13 -49.02 -4.59
C SER B 146 22.06 -47.49 -4.54
N GLY B 147 22.13 -46.94 -3.33
CA GLY B 147 22.17 -45.49 -3.15
C GLY B 147 20.84 -44.78 -3.27
N GLY B 148 19.85 -45.42 -3.87
CA GLY B 148 18.57 -44.77 -4.13
C GLY B 148 18.76 -43.50 -4.93
N THR B 149 18.31 -42.37 -4.39
CA THR B 149 18.45 -41.06 -5.02
C THR B 149 19.65 -40.33 -4.44
N ALA B 150 20.20 -39.40 -5.22
CA ALA B 150 21.31 -38.57 -4.74
C ALA B 150 20.95 -37.09 -4.88
N ALA B 151 21.37 -36.30 -3.91
CA ALA B 151 21.16 -34.86 -3.99
C ALA B 151 22.49 -34.17 -4.18
N LEU B 152 22.59 -33.39 -5.26
CA LEU B 152 23.81 -32.63 -5.57
C LEU B 152 23.39 -31.18 -5.69
N GLY B 153 24.31 -30.26 -5.39
CA GLY B 153 23.90 -28.86 -5.39
C GLY B 153 24.99 -27.91 -5.76
N CYS B 154 24.62 -26.63 -5.84
CA CYS B 154 25.58 -25.56 -6.01
C CYS B 154 25.24 -24.43 -5.05
N LEU B 155 26.27 -23.92 -4.38
CA LEU B 155 26.15 -22.78 -3.51
C LEU B 155 26.66 -21.55 -4.25
N VAL B 156 25.79 -20.56 -4.39
CA VAL B 156 26.11 -19.35 -5.14
C VAL B 156 26.29 -18.23 -4.12
N LYS B 157 27.55 -17.94 -3.78
CA LYS B 157 27.89 -17.22 -2.55
C LYS B 157 28.30 -15.76 -2.75
N ASP B 158 27.67 -14.85 -1.98
CA ASP B 158 28.17 -13.47 -1.81
C ASP B 158 28.16 -12.63 -3.08
N TYR B 159 26.96 -12.38 -3.60
CA TYR B 159 26.80 -11.59 -4.82
C TYR B 159 25.90 -10.40 -4.54
N PHE B 160 25.96 -9.40 -5.40
CA PHE B 160 25.12 -8.23 -5.28
C PHE B 160 25.12 -7.50 -6.62
N PRO B 161 23.94 -7.05 -7.07
CA PRO B 161 22.62 -7.18 -6.48
C PRO B 161 21.91 -8.42 -7.01
N GLU B 162 20.64 -8.60 -6.65
CA GLU B 162 19.81 -9.62 -7.30
C GLU B 162 19.64 -9.23 -8.76
N PRO B 163 19.35 -10.21 -9.63
CA PRO B 163 19.15 -11.64 -9.37
C PRO B 163 20.27 -12.49 -9.94
N VAL B 164 20.18 -13.79 -9.66
CA VAL B 164 21.03 -14.81 -10.25
C VAL B 164 20.12 -15.88 -10.82
N THR B 165 20.55 -16.48 -11.94
CA THR B 165 19.85 -17.63 -12.49
C THR B 165 20.73 -18.87 -12.38
N VAL B 166 20.10 -20.02 -12.21
CA VAL B 166 20.82 -21.29 -12.16
C VAL B 166 20.07 -22.31 -13.00
N SER B 167 20.80 -23.01 -13.86
CA SER B 167 20.21 -24.14 -14.56
C SER B 167 21.14 -25.31 -14.32
N TRP B 168 20.69 -26.49 -14.73
CA TRP B 168 21.51 -27.69 -14.63
C TRP B 168 21.62 -28.33 -16.00
N ASN B 169 22.84 -28.70 -16.36
CA ASN B 169 23.10 -29.34 -17.65
C ASN B 169 22.51 -28.54 -18.81
N SER B 170 22.69 -27.22 -18.74
CA SER B 170 22.28 -26.32 -19.81
C SER B 170 20.78 -26.33 -20.05
N GLY B 171 20.02 -26.74 -19.04
CA GLY B 171 18.58 -26.75 -19.11
C GLY B 171 18.00 -28.11 -19.46
N ALA B 172 18.86 -29.08 -19.69
CA ALA B 172 18.44 -30.41 -20.12
C ALA B 172 17.84 -31.15 -18.94
N LEU B 173 18.20 -30.69 -17.75
CA LEU B 173 17.82 -31.34 -16.51
C LEU B 173 16.90 -30.41 -15.72
N THR B 174 15.62 -30.77 -15.64
CA THR B 174 14.62 -29.95 -14.95
C THR B 174 13.91 -30.77 -13.87
N SER B 175 13.73 -32.06 -14.15
CA SER B 175 13.15 -32.98 -13.19
C SER B 175 14.02 -33.04 -11.94
N GLY B 176 13.43 -32.75 -10.80
CA GLY B 176 14.12 -32.87 -9.52
C GLY B 176 15.00 -31.68 -9.18
N VAL B 177 14.91 -30.62 -9.97
CA VAL B 177 15.65 -29.39 -9.73
C VAL B 177 14.88 -28.49 -8.77
N HIS B 178 15.58 -27.89 -7.82
CA HIS B 178 14.95 -26.94 -6.92
C HIS B 178 15.96 -25.85 -6.60
N THR B 179 15.69 -24.64 -7.11
CA THR B 179 16.54 -23.49 -6.87
C THR B 179 15.84 -22.64 -5.84
N PHE B 180 16.57 -22.28 -4.79
CA PHE B 180 15.95 -21.63 -3.65
C PHE B 180 16.15 -20.11 -3.70
N PRO B 181 15.15 -19.37 -3.20
CA PRO B 181 15.31 -17.93 -3.07
C PRO B 181 16.53 -17.57 -2.22
N ALA B 182 17.10 -16.42 -2.49
CA ALA B 182 18.33 -16.02 -1.84
C ALA B 182 18.11 -15.59 -0.40
N VAL B 183 19.15 -15.75 0.41
CA VAL B 183 19.24 -15.11 1.72
C VAL B 183 20.00 -13.80 1.62
N LEU B 184 19.51 -12.78 2.32
CA LEU B 184 20.23 -11.52 2.40
C LEU B 184 20.99 -11.53 3.72
N GLN B 185 22.31 -11.53 3.62
CA GLN B 185 23.19 -11.72 4.78
C GLN B 185 23.52 -10.40 5.48
N SER B 186 24.05 -10.49 6.70
CA SER B 186 24.40 -9.31 7.48
C SER B 186 25.54 -8.54 6.82
N SER B 187 26.18 -9.16 5.82
CA SER B 187 27.24 -8.49 5.07
C SER B 187 26.66 -7.57 4.00
N GLY B 188 25.34 -7.62 3.81
CA GLY B 188 24.71 -6.88 2.72
C GLY B 188 24.72 -7.60 1.38
N LEU B 189 25.32 -8.79 1.35
CA LEU B 189 25.39 -9.57 0.12
C LEU B 189 24.39 -10.72 0.16
N TYR B 190 24.03 -11.20 -1.03
CA TYR B 190 23.13 -12.34 -1.18
C TYR B 190 23.87 -13.65 -1.40
N SER B 191 23.23 -14.76 -1.02
CA SER B 191 23.67 -16.10 -1.42
C SER B 191 22.44 -16.92 -1.73
N LEU B 192 22.55 -17.87 -2.66
CA LEU B 192 21.48 -18.83 -2.84
C LEU B 192 22.06 -20.18 -3.21
N SER B 193 21.22 -21.21 -3.17
CA SER B 193 21.64 -22.56 -3.53
C SER B 193 20.63 -23.21 -4.46
N SER B 194 21.11 -24.16 -5.25
CA SER B 194 20.24 -24.94 -6.10
C SER B 194 20.61 -26.40 -5.89
N VAL B 195 19.63 -27.29 -5.88
CA VAL B 195 19.90 -28.71 -5.67
C VAL B 195 19.13 -29.51 -6.71
N VAL B 196 19.73 -30.60 -7.16
CA VAL B 196 19.00 -31.49 -8.05
C VAL B 196 19.05 -32.89 -7.46
N THR B 197 17.92 -33.60 -7.51
CA THR B 197 17.87 -34.97 -7.03
C THR B 197 17.91 -35.86 -8.25
N VAL B 198 18.83 -36.81 -8.25
CA VAL B 198 19.08 -37.63 -9.43
C VAL B 198 19.21 -39.10 -9.05
N PRO B 199 19.06 -39.99 -10.03
CA PRO B 199 19.22 -41.40 -9.70
C PRO B 199 20.69 -41.69 -9.38
N SER B 200 20.93 -42.54 -8.38
CA SER B 200 22.29 -42.89 -8.02
C SER B 200 22.96 -43.76 -9.07
N SER B 201 22.15 -44.52 -9.81
CA SER B 201 22.68 -45.53 -10.72
C SER B 201 23.65 -44.97 -11.77
N SER B 202 23.42 -43.74 -12.20
CA SER B 202 24.17 -43.15 -13.29
C SER B 202 25.15 -42.06 -12.84
N LEU B 203 25.51 -42.03 -11.57
CA LEU B 203 26.43 -41.02 -11.09
C LEU B 203 27.78 -41.13 -11.78
N GLY B 204 28.08 -42.32 -12.33
CA GLY B 204 29.34 -42.52 -13.03
C GLY B 204 29.25 -42.28 -14.53
N THR B 205 28.04 -42.29 -15.07
CA THR B 205 27.86 -42.14 -16.52
C THR B 205 27.24 -40.80 -16.91
N GLN B 206 26.79 -40.03 -15.92
CA GLN B 206 26.23 -38.72 -16.22
C GLN B 206 26.96 -37.60 -15.49
N THR B 207 27.39 -36.60 -16.26
CA THR B 207 28.05 -35.44 -15.68
C THR B 207 27.00 -34.42 -15.29
N TYR B 208 27.15 -33.80 -14.12
CA TYR B 208 26.24 -32.76 -13.66
C TYR B 208 26.97 -31.42 -13.56
N ILE B 209 26.40 -30.41 -14.20
CA ILE B 209 26.98 -29.07 -14.24
C ILE B 209 25.92 -28.07 -13.81
N CYS B 210 26.25 -27.18 -12.87
CA CYS B 210 25.31 -26.11 -12.58
C CYS B 210 25.77 -24.87 -13.31
N ASN B 211 24.88 -24.30 -14.11
CA ASN B 211 25.20 -23.13 -14.91
C ASN B 211 24.66 -21.90 -14.20
N VAL B 212 25.57 -21.10 -13.65
CA VAL B 212 25.18 -19.93 -12.89
C VAL B 212 25.41 -18.66 -13.70
N ASN B 213 24.46 -17.72 -13.66
CA ASN B 213 24.66 -16.45 -14.35
C ASN B 213 24.24 -15.32 -13.44
N HIS B 214 25.18 -14.45 -13.11
CA HIS B 214 24.86 -13.19 -12.42
C HIS B 214 25.03 -12.08 -13.46
N LYS B 215 23.93 -11.68 -14.08
CA LYS B 215 24.03 -10.71 -15.17
C LYS B 215 24.66 -9.36 -14.82
N PRO B 216 24.35 -8.80 -13.64
CA PRO B 216 24.92 -7.49 -13.31
C PRO B 216 26.44 -7.44 -13.42
N SER B 217 27.12 -8.50 -13.03
CA SER B 217 28.58 -8.55 -13.07
C SER B 217 29.12 -9.32 -14.27
N ASN B 218 28.21 -9.81 -15.12
CA ASN B 218 28.60 -10.65 -16.25
C ASN B 218 29.38 -11.89 -15.79
N THR B 219 29.09 -12.37 -14.58
CA THR B 219 29.72 -13.58 -14.06
C THR B 219 28.97 -14.82 -14.51
N LYS B 220 29.62 -15.66 -15.32
CA LYS B 220 29.04 -16.92 -15.74
C LYS B 220 29.96 -18.05 -15.31
N VAL B 221 29.42 -19.02 -14.60
CA VAL B 221 30.21 -20.15 -14.15
C VAL B 221 29.48 -21.44 -14.49
N ASP B 222 30.22 -22.40 -15.03
CA ASP B 222 29.68 -23.73 -15.26
C ASP B 222 30.42 -24.70 -14.37
N LYS B 223 29.79 -25.04 -13.24
CA LYS B 223 30.48 -25.80 -12.20
C LYS B 223 30.12 -27.27 -12.21
N LYS B 224 31.12 -28.13 -12.40
CA LYS B 224 30.89 -29.57 -12.32
C LYS B 224 30.75 -29.96 -10.87
N VAL B 225 29.73 -30.76 -10.57
CA VAL B 225 29.48 -31.25 -9.23
C VAL B 225 29.57 -32.77 -9.27
N GLU B 226 30.50 -33.33 -8.52
CA GLU B 226 30.66 -34.78 -8.55
C GLU B 226 30.83 -35.37 -7.17
N PRO B 227 30.54 -36.67 -7.02
CA PRO B 227 30.73 -37.31 -5.72
C PRO B 227 32.19 -37.24 -5.29
N LYS B 228 32.41 -37.05 -3.99
CA LYS B 228 33.76 -36.98 -3.43
C LYS B 228 34.08 -38.28 -2.70
N SER B 229 34.83 -38.16 -1.60
CA SER B 229 35.12 -39.29 -0.70
C SER B 229 36.01 -40.35 -1.34
N CYS B 230 37.09 -40.69 -0.64
CA CYS B 230 38.04 -41.68 -1.13
C CYS B 230 37.83 -43.04 -0.46
N SER C 6 -3.77 8.18 33.10
CA SER C 6 -4.88 9.01 33.56
C SER C 6 -5.98 9.14 32.51
N ILE C 7 -5.60 9.35 31.24
CA ILE C 7 -6.60 9.42 30.19
C ILE C 7 -6.23 8.69 28.89
N LYS C 8 -7.22 8.04 28.31
CA LYS C 8 -7.06 7.33 27.05
C LYS C 8 -7.02 8.32 25.88
N ILE C 9 -6.07 8.10 24.99
CA ILE C 9 -6.06 8.77 23.70
C ILE C 9 -6.47 7.69 22.71
N ARG C 10 -7.69 7.80 22.20
CA ARG C 10 -8.23 6.85 21.26
C ARG C 10 -7.66 7.08 19.88
N PRO C 11 -7.75 6.07 19.00
CA PRO C 11 -7.38 6.31 17.60
C PRO C 11 -8.17 7.50 17.05
N ARG C 12 -7.50 8.33 16.27
CA ARG C 12 -8.14 9.49 15.63
C ARG C 12 -8.45 10.63 16.58
N GLN C 13 -8.15 10.46 17.87
CA GLN C 13 -8.47 11.49 18.84
C GLN C 13 -7.34 12.51 19.01
N ALA C 14 -7.55 13.73 18.49
CA ALA C 14 -6.60 14.81 18.72
C ALA C 14 -6.57 15.16 20.19
N PHE C 15 -5.37 15.38 20.70
CA PHE C 15 -5.17 15.66 22.11
C PHE C 15 -4.16 16.77 22.34
N TYR C 16 -4.57 17.78 23.09
CA TYR C 16 -3.72 18.91 23.40
C TYR C 16 -3.49 18.99 24.90
N ALA C 17 -2.31 18.57 25.33
CA ALA C 17 -2.01 18.46 26.76
C ALA C 17 -2.16 19.79 27.49
N GLN D 1 -14.45 10.95 -17.94
CA GLN D 1 -14.43 10.35 -19.28
C GLN D 1 -13.09 10.61 -19.98
N SER D 2 -13.03 11.74 -20.70
CA SER D 2 -11.81 12.12 -21.40
C SER D 2 -11.42 11.06 -22.43
N VAL D 3 -11.64 11.35 -23.71
CA VAL D 3 -11.22 10.49 -24.83
C VAL D 3 -11.82 9.07 -24.87
N LEU D 4 -11.59 8.26 -23.83
CA LEU D 4 -12.32 7.00 -23.70
C LEU D 4 -13.44 7.22 -22.69
N THR D 5 -14.64 6.77 -23.05
CA THR D 5 -15.82 7.04 -22.23
C THR D 5 -16.38 5.76 -21.61
N GLN D 6 -16.41 5.73 -20.28
CA GLN D 6 -16.98 4.64 -19.51
C GLN D 6 -18.15 5.19 -18.71
N PRO D 7 -19.15 4.35 -18.40
CA PRO D 7 -20.19 4.79 -17.47
C PRO D 7 -19.57 4.99 -16.09
N PRO D 8 -20.09 5.96 -15.32
CA PRO D 8 -19.44 6.21 -14.03
C PRO D 8 -19.63 5.07 -13.05
N SER D 9 -20.69 4.29 -13.19
CA SER D 9 -20.93 3.23 -12.24
C SER D 9 -21.87 2.15 -12.77
N VAL D 10 -21.75 0.97 -12.19
CA VAL D 10 -22.61 -0.15 -12.55
C VAL D 10 -22.80 -1.00 -11.28
N SER D 11 -23.92 -1.70 -11.20
CA SER D 11 -24.15 -2.52 -10.01
C SER D 11 -25.03 -3.72 -10.34
N ALA D 12 -24.91 -4.75 -9.53
CA ALA D 12 -25.74 -5.94 -9.62
C ALA D 12 -25.58 -6.74 -8.33
N ALA D 13 -26.44 -7.74 -8.13
CA ALA D 13 -26.41 -8.52 -6.90
C ALA D 13 -25.38 -9.64 -6.96
N PRO D 14 -24.99 -10.18 -5.80
CA PRO D 14 -24.00 -11.25 -5.91
C PRO D 14 -24.54 -12.41 -6.76
N GLY D 15 -23.63 -13.01 -7.52
CA GLY D 15 -23.97 -14.09 -8.45
C GLY D 15 -24.48 -13.64 -9.80
N GLN D 16 -24.76 -12.35 -9.95
CA GLN D 16 -25.28 -11.84 -11.21
C GLN D 16 -24.11 -11.35 -12.05
N LYS D 17 -24.41 -10.64 -13.12
CA LYS D 17 -23.37 -10.13 -13.99
C LYS D 17 -23.55 -8.66 -14.33
N VAL D 18 -22.47 -8.05 -14.79
CA VAL D 18 -22.51 -6.69 -15.29
C VAL D 18 -21.69 -6.62 -16.55
N THR D 19 -21.92 -5.56 -17.30
CA THR D 19 -21.14 -5.25 -18.49
C THR D 19 -20.66 -3.82 -18.32
N ILE D 20 -19.41 -3.55 -18.68
CA ILE D 20 -18.86 -2.20 -18.60
C ILE D 20 -18.32 -1.79 -19.97
N SER D 21 -18.91 -0.75 -20.55
CA SER D 21 -18.53 -0.30 -21.89
C SER D 21 -17.41 0.72 -21.83
N CYS D 22 -16.63 0.78 -22.90
CA CYS D 22 -15.55 1.73 -23.06
C CYS D 22 -15.57 2.20 -24.51
N SER D 23 -16.00 3.45 -24.72
CA SER D 23 -16.24 3.97 -26.07
C SER D 23 -15.16 4.95 -26.51
N GLY D 24 -14.66 4.78 -27.73
CA GLY D 24 -13.60 5.63 -28.23
C GLY D 24 -13.77 6.03 -29.69
N SER D 25 -12.67 5.98 -30.43
CA SER D 25 -12.67 6.36 -31.85
C SER D 25 -11.75 5.43 -32.62
N SER D 26 -11.65 5.61 -33.93
CA SER D 26 -10.82 4.71 -34.72
C SER D 26 -9.35 5.01 -34.46
N SER D 27 -9.07 6.15 -33.84
CA SER D 27 -7.68 6.56 -33.54
C SER D 27 -7.16 5.95 -32.24
N ASN D 28 -8.05 5.39 -31.42
CA ASN D 28 -7.60 4.62 -30.25
C ASN D 28 -8.05 3.16 -30.30
N ILE D 29 -9.24 2.88 -29.78
CA ILE D 29 -9.76 1.52 -29.73
C ILE D 29 -9.87 0.89 -31.10
N GLY D 30 -10.17 1.70 -32.11
CA GLY D 30 -10.29 1.16 -33.45
C GLY D 30 -9.00 0.55 -33.95
N ASN D 31 -7.88 1.21 -33.63
CA ASN D 31 -6.54 0.87 -34.17
C ASN D 31 -5.66 0.03 -33.25
N ASN D 32 -5.98 -0.01 -31.96
CA ASN D 32 -5.07 -0.59 -30.98
C ASN D 32 -5.80 -1.45 -29.97
N MET D 33 -5.07 -2.35 -29.34
CA MET D 33 -5.64 -3.34 -28.44
C MET D 33 -5.90 -2.78 -27.04
N VAL D 34 -7.06 -3.12 -26.48
CA VAL D 34 -7.50 -2.58 -25.20
C VAL D 34 -7.07 -3.43 -24.01
N SER D 35 -6.65 -2.77 -22.93
CA SER D 35 -6.39 -3.46 -21.67
C SER D 35 -7.33 -2.92 -20.59
N TRP D 36 -7.56 -3.72 -19.55
CA TRP D 36 -8.46 -3.33 -18.47
C TRP D 36 -7.77 -3.53 -17.13
N TYR D 37 -8.16 -2.72 -16.14
CA TYR D 37 -7.57 -2.74 -14.81
C TYR D 37 -8.65 -2.78 -13.76
N GLN D 38 -8.35 -3.50 -12.67
CA GLN D 38 -9.17 -3.49 -11.47
C GLN D 38 -8.42 -2.74 -10.39
N GLN D 39 -9.06 -1.75 -9.77
CA GLN D 39 -8.36 -1.01 -8.72
C GLN D 39 -9.19 -0.94 -7.44
N HIS D 40 -8.66 -1.57 -6.40
CA HIS D 40 -9.23 -1.41 -5.07
C HIS D 40 -8.66 -0.15 -4.46
N PRO D 41 -9.48 0.61 -3.73
CA PRO D 41 -9.04 1.90 -3.18
C PRO D 41 -7.75 1.77 -2.38
N GLY D 42 -6.81 2.67 -2.61
CA GLY D 42 -5.56 2.67 -1.87
C GLY D 42 -4.51 1.71 -2.38
N THR D 43 -4.78 1.04 -3.50
CA THR D 43 -3.80 0.13 -4.11
C THR D 43 -3.63 0.46 -5.58
N ALA D 44 -2.52 0.00 -6.17
CA ALA D 44 -2.28 0.18 -7.60
C ALA D 44 -3.32 -0.57 -8.42
N PRO D 45 -3.63 -0.04 -9.61
CA PRO D 45 -4.45 -0.78 -10.57
C PRO D 45 -3.82 -2.13 -10.87
N LYS D 46 -4.65 -3.14 -11.08
CA LYS D 46 -4.17 -4.49 -11.40
C LYS D 46 -4.61 -4.86 -12.81
N LEU D 47 -3.68 -5.34 -13.63
CA LEU D 47 -4.04 -5.76 -14.98
C LEU D 47 -5.05 -6.92 -14.92
N LEU D 48 -6.18 -6.73 -15.60
CA LEU D 48 -7.28 -7.67 -15.65
C LEU D 48 -7.39 -8.35 -17.02
N ILE D 49 -7.27 -7.55 -18.08
CA ILE D 49 -7.43 -8.04 -19.44
C ILE D 49 -6.39 -7.34 -20.30
N TYR D 50 -5.83 -8.05 -21.27
CA TYR D 50 -4.95 -7.41 -22.24
C TYR D 50 -5.22 -7.93 -23.63
N GLU D 51 -4.81 -7.17 -24.64
CA GLU D 51 -5.08 -7.55 -26.04
C GLU D 51 -6.56 -7.86 -26.26
N ASN D 52 -7.40 -6.95 -25.77
CA ASN D 52 -8.86 -7.03 -25.90
C ASN D 52 -9.56 -8.07 -25.02
N SER D 53 -9.02 -9.29 -24.98
CA SER D 53 -9.76 -10.43 -24.44
C SER D 53 -8.95 -11.43 -23.63
N LYS D 54 -7.65 -11.21 -23.52
CA LYS D 54 -6.79 -12.16 -22.83
C LYS D 54 -6.69 -11.88 -21.35
N ARG D 55 -6.61 -12.95 -20.56
CA ARG D 55 -6.49 -12.83 -19.12
C ARG D 55 -5.09 -13.22 -18.65
N PRO D 56 -4.43 -12.35 -17.89
CA PRO D 56 -3.17 -12.79 -17.29
C PRO D 56 -3.43 -13.95 -16.31
N SER D 57 -2.38 -14.68 -15.99
CA SER D 57 -2.49 -15.77 -15.02
C SER D 57 -2.99 -15.24 -13.69
N GLY D 58 -3.96 -15.93 -13.09
CA GLY D 58 -4.48 -15.50 -11.81
C GLY D 58 -5.79 -14.75 -11.89
N ILE D 59 -6.19 -14.34 -13.10
CA ILE D 59 -7.47 -13.69 -13.29
C ILE D 59 -8.49 -14.74 -13.73
N PRO D 60 -9.57 -14.92 -12.96
CA PRO D 60 -10.53 -15.97 -13.28
C PRO D 60 -11.36 -15.68 -14.54
N ASP D 61 -11.83 -16.74 -15.18
CA ASP D 61 -12.59 -16.61 -16.42
C ASP D 61 -13.92 -15.90 -16.23
N ARG D 62 -14.23 -15.51 -14.99
CA ARG D 62 -15.42 -14.71 -14.71
C ARG D 62 -15.30 -13.36 -15.38
N PHE D 63 -14.06 -12.91 -15.59
CA PHE D 63 -13.78 -11.66 -16.27
C PHE D 63 -13.49 -11.92 -17.74
N SER D 64 -14.13 -11.16 -18.62
CA SER D 64 -13.92 -11.32 -20.05
C SER D 64 -13.92 -9.97 -20.74
N GLY D 65 -13.17 -9.87 -21.84
CA GLY D 65 -13.16 -8.65 -22.61
C GLY D 65 -13.37 -8.91 -24.09
N SER D 66 -13.85 -7.91 -24.79
CA SER D 66 -14.01 -7.97 -26.23
C SER D 66 -13.94 -6.58 -26.82
N ARG D 67 -13.63 -6.50 -28.10
CA ARG D 67 -13.51 -5.23 -28.81
C ARG D 67 -14.41 -5.34 -30.03
N SER D 68 -15.23 -4.33 -30.28
CA SER D 68 -16.04 -4.30 -31.48
C SER D 68 -16.09 -2.88 -32.03
N GLY D 69 -15.53 -2.68 -33.21
CA GLY D 69 -15.44 -1.36 -33.79
C GLY D 69 -14.56 -0.45 -32.94
N THR D 70 -15.14 0.66 -32.49
CA THR D 70 -14.38 1.64 -31.72
C THR D 70 -14.74 1.57 -30.24
N SER D 71 -15.36 0.48 -29.83
CA SER D 71 -15.74 0.30 -28.42
C SER D 71 -15.22 -1.02 -27.89
N ALA D 72 -15.06 -1.09 -26.58
CA ALA D 72 -14.65 -2.34 -25.95
C ALA D 72 -15.52 -2.57 -24.73
N THR D 73 -15.65 -3.83 -24.34
CA THR D 73 -16.53 -4.20 -23.26
C THR D 73 -15.87 -5.18 -22.29
N LEU D 74 -16.04 -4.91 -21.00
CA LEU D 74 -15.61 -5.82 -19.96
C LEU D 74 -16.86 -6.47 -19.40
N GLY D 75 -16.86 -7.79 -19.32
CA GLY D 75 -17.93 -8.51 -18.67
C GLY D 75 -17.46 -9.16 -17.39
N ILE D 76 -18.29 -9.11 -16.35
CA ILE D 76 -18.00 -9.80 -15.10
C ILE D 76 -19.24 -10.58 -14.70
N ILE D 77 -19.08 -11.89 -14.54
CA ILE D 77 -20.17 -12.75 -14.10
C ILE D 77 -19.89 -13.32 -12.71
N GLY D 78 -20.90 -13.97 -12.13
CA GLY D 78 -20.76 -14.58 -10.82
C GLY D 78 -20.21 -13.60 -9.79
N LEU D 79 -20.77 -12.41 -9.75
CA LEU D 79 -20.26 -11.34 -8.90
C LEU D 79 -20.04 -11.75 -7.44
N GLN D 80 -18.89 -11.38 -6.91
CA GLN D 80 -18.53 -11.62 -5.51
C GLN D 80 -18.29 -10.26 -4.88
N THR D 81 -18.52 -10.14 -3.57
CA THR D 81 -18.30 -8.87 -2.89
C THR D 81 -16.90 -8.31 -3.18
N GLY D 82 -15.91 -9.20 -3.28
CA GLY D 82 -14.53 -8.78 -3.48
C GLY D 82 -14.29 -8.12 -4.83
N ASP D 83 -15.26 -8.22 -5.72
CA ASP D 83 -15.15 -7.62 -7.05
C ASP D 83 -15.41 -6.12 -7.01
N GLU D 84 -15.98 -5.63 -5.89
CA GLU D 84 -16.15 -4.19 -5.75
C GLU D 84 -14.81 -3.47 -5.87
N ALA D 85 -14.76 -2.54 -6.81
CA ALA D 85 -13.52 -1.87 -7.19
C ALA D 85 -13.85 -0.85 -8.27
N GLU D 86 -12.86 -0.06 -8.65
CA GLU D 86 -13.00 0.82 -9.81
C GLU D 86 -12.35 0.11 -11.01
N TYR D 87 -12.99 0.13 -12.18
CA TYR D 87 -12.48 -0.58 -13.35
C TYR D 87 -12.15 0.42 -14.44
N TYR D 88 -10.97 0.28 -15.05
CA TYR D 88 -10.53 1.19 -16.11
C TYR D 88 -10.19 0.45 -17.39
N CYS D 89 -10.51 1.07 -18.53
CA CYS D 89 -10.00 0.59 -19.82
C CYS D 89 -8.89 1.50 -20.30
N ALA D 90 -8.03 0.99 -21.18
CA ALA D 90 -6.94 1.80 -21.70
C ALA D 90 -6.48 1.26 -23.04
N THR D 91 -5.98 2.16 -23.88
CA THR D 91 -5.23 1.75 -25.08
C THR D 91 -4.39 2.93 -25.57
N TRP D 92 -3.68 2.73 -26.67
CA TRP D 92 -2.92 3.81 -27.29
C TRP D 92 -3.78 4.63 -28.23
N ASP D 93 -3.62 5.94 -28.18
CA ASP D 93 -4.29 6.85 -29.12
C ASP D 93 -3.26 7.41 -30.07
N GLY D 94 -3.69 7.67 -31.30
CA GLY D 94 -2.81 8.17 -32.34
C GLY D 94 -2.22 9.54 -32.07
N SER D 95 -2.78 10.25 -31.09
CA SER D 95 -2.22 11.53 -30.68
C SER D 95 -0.93 11.32 -29.88
N LEU D 96 -0.56 10.06 -29.71
CA LEU D 96 0.72 9.64 -29.14
C LEU D 96 0.72 9.60 -27.61
N ARG D 97 -0.22 8.85 -27.07
CA ARG D 97 -0.32 8.68 -25.63
C ARG D 97 -1.22 7.51 -25.32
N THR D 98 -1.01 6.89 -24.18
CA THR D 98 -1.96 5.92 -23.68
C THR D 98 -3.07 6.74 -23.06
N VAL D 99 -4.32 6.36 -23.36
CA VAL D 99 -5.49 7.04 -22.82
C VAL D 99 -6.25 6.05 -21.96
N PHE D 100 -6.81 6.55 -20.86
CA PHE D 100 -7.65 5.74 -19.96
C PHE D 100 -9.09 6.22 -20.01
N GLY D 101 -10.01 5.28 -19.84
CA GLY D 101 -11.39 5.64 -19.56
C GLY D 101 -11.46 6.29 -18.18
N GLY D 102 -12.58 6.95 -17.91
CA GLY D 102 -12.74 7.70 -16.67
C GLY D 102 -12.96 6.85 -15.43
N GLY D 103 -13.20 5.56 -15.64
CA GLY D 103 -13.37 4.63 -14.53
C GLY D 103 -14.83 4.34 -14.27
N THR D 104 -15.11 3.09 -13.92
CA THR D 104 -16.46 2.67 -13.54
C THR D 104 -16.41 2.02 -12.18
N LYS D 105 -17.22 2.53 -11.26
CA LYS D 105 -17.32 1.93 -9.93
C LYS D 105 -18.31 0.79 -9.97
N LEU D 106 -17.86 -0.40 -9.58
CA LEU D 106 -18.73 -1.56 -9.50
C LEU D 106 -19.15 -1.76 -8.05
N THR D 107 -20.46 -1.79 -7.82
CA THR D 107 -21.01 -2.09 -6.51
C THR D 107 -21.74 -3.42 -6.58
N VAL D 108 -21.41 -4.30 -5.64
CA VAL D 108 -22.10 -5.58 -5.53
C VAL D 108 -23.18 -5.35 -4.48
N LEU D 109 -24.43 -5.31 -4.93
CA LEU D 109 -25.55 -4.80 -4.14
C LEU D 109 -25.85 -5.63 -2.91
N SER D 110 -25.77 -4.99 -1.75
CA SER D 110 -26.02 -5.67 -0.46
C SER D 110 -27.13 -4.99 0.37
N GLN D 111 -27.78 -3.99 -0.20
CA GLN D 111 -28.94 -3.36 0.42
C GLN D 111 -29.75 -2.75 -0.70
N PRO D 112 -30.99 -2.32 -0.40
CA PRO D 112 -31.80 -1.74 -1.47
C PRO D 112 -31.15 -0.47 -2.04
N LYS D 113 -31.39 -0.21 -3.32
CA LYS D 113 -30.93 1.04 -3.92
C LYS D 113 -31.62 2.23 -3.26
N ALA D 114 -30.88 3.30 -3.10
CA ALA D 114 -31.42 4.50 -2.47
C ALA D 114 -31.03 5.71 -3.30
N ALA D 115 -32.03 6.47 -3.73
CA ALA D 115 -31.77 7.69 -4.48
C ALA D 115 -31.26 8.76 -3.52
N PRO D 116 -30.40 9.67 -4.02
CA PRO D 116 -29.84 10.73 -3.18
C PRO D 116 -30.89 11.77 -2.82
N SER D 117 -30.80 12.29 -1.60
CA SER D 117 -31.54 13.48 -1.20
C SER D 117 -30.64 14.65 -1.46
N VAL D 118 -31.15 15.68 -2.10
CA VAL D 118 -30.33 16.82 -2.49
C VAL D 118 -30.85 18.09 -1.84
N THR D 119 -29.95 18.84 -1.21
CA THR D 119 -30.26 20.15 -0.66
C THR D 119 -29.29 21.17 -1.21
N LEU D 120 -29.80 22.26 -1.75
CA LEU D 120 -28.93 23.29 -2.35
C LEU D 120 -29.14 24.61 -1.64
N PHE D 121 -28.05 25.19 -1.15
CA PHE D 121 -28.07 26.51 -0.53
C PHE D 121 -27.43 27.55 -1.43
N PRO D 122 -28.06 28.73 -1.51
CA PRO D 122 -27.49 29.87 -2.23
C PRO D 122 -26.42 30.54 -1.37
N PRO D 123 -25.65 31.45 -1.98
CA PRO D 123 -24.70 32.26 -1.21
C PRO D 123 -25.44 33.00 -0.10
N SER D 124 -24.83 33.07 1.08
CA SER D 124 -25.38 33.85 2.18
C SER D 124 -25.16 35.34 1.94
N SER D 125 -26.03 36.17 2.49
CA SER D 125 -25.85 37.62 2.38
C SER D 125 -24.50 38.00 2.95
N GLU D 126 -24.07 37.32 4.01
CA GLU D 126 -22.80 37.62 4.64
C GLU D 126 -21.62 37.40 3.68
N GLU D 127 -21.64 36.26 2.98
CA GLU D 127 -20.55 35.96 2.05
C GLU D 127 -20.54 36.98 0.92
N LEU D 128 -21.72 37.33 0.42
CA LEU D 128 -21.82 38.30 -0.65
C LEU D 128 -21.23 39.64 -0.22
N GLN D 129 -21.39 39.98 1.06
CA GLN D 129 -20.80 41.21 1.61
C GLN D 129 -19.27 41.15 1.59
N ALA D 130 -18.73 39.94 1.66
CA ALA D 130 -17.30 39.72 1.65
C ALA D 130 -16.79 39.56 0.23
N ASN D 131 -17.65 39.87 -0.73
CA ASN D 131 -17.29 39.84 -2.16
C ASN D 131 -17.00 38.45 -2.69
N LYS D 132 -17.69 37.45 -2.15
CA LYS D 132 -17.56 36.09 -2.65
C LYS D 132 -18.95 35.46 -2.73
N ALA D 133 -19.04 34.32 -3.42
CA ALA D 133 -20.31 33.62 -3.55
C ALA D 133 -20.04 32.13 -3.68
N THR D 134 -20.72 31.34 -2.87
CA THR D 134 -20.57 29.89 -2.92
C THR D 134 -21.94 29.23 -2.88
N LEU D 135 -22.22 28.38 -3.85
CA LEU D 135 -23.41 27.55 -3.82
C LEU D 135 -23.01 26.20 -3.27
N VAL D 136 -23.79 25.68 -2.34
CA VAL D 136 -23.46 24.43 -1.65
C VAL D 136 -24.52 23.39 -1.91
N CYS D 137 -24.13 22.28 -2.54
CA CYS D 137 -25.07 21.22 -2.89
C CYS D 137 -24.74 20.00 -2.05
N LEU D 138 -25.65 19.63 -1.15
CA LEU D 138 -25.42 18.52 -0.23
C LEU D 138 -26.19 17.30 -0.70
N ILE D 139 -25.50 16.17 -0.77
CA ILE D 139 -26.04 14.98 -1.41
C ILE D 139 -25.97 13.82 -0.43
N SER D 140 -27.11 13.26 -0.07
CA SER D 140 -27.07 12.32 1.04
C SER D 140 -27.92 11.07 0.87
N ASP D 141 -27.59 10.05 1.67
CA ASP D 141 -28.40 8.85 1.78
C ASP D 141 -28.55 8.06 0.47
N PHE D 142 -27.49 8.03 -0.34
CA PHE D 142 -27.56 7.28 -1.59
C PHE D 142 -26.80 5.94 -1.58
N TYR D 143 -27.31 5.00 -2.36
CA TYR D 143 -26.67 3.70 -2.56
C TYR D 143 -27.12 3.13 -3.91
N PRO D 144 -26.17 2.66 -4.74
CA PRO D 144 -24.71 2.61 -4.62
C PRO D 144 -24.06 3.97 -4.39
N GLY D 145 -22.85 3.95 -3.85
CA GLY D 145 -22.14 5.17 -3.52
C GLY D 145 -21.39 5.78 -4.70
N ALA D 146 -22.15 6.20 -5.70
CA ALA D 146 -21.58 6.85 -6.88
C ALA D 146 -22.59 7.81 -7.45
N VAL D 147 -22.20 9.07 -7.60
CA VAL D 147 -23.06 10.06 -8.26
C VAL D 147 -22.24 10.90 -9.23
N THR D 148 -22.94 11.51 -10.18
CA THR D 148 -22.34 12.50 -11.06
C THR D 148 -23.07 13.80 -10.81
N VAL D 149 -22.32 14.89 -10.67
CA VAL D 149 -22.92 16.19 -10.42
C VAL D 149 -22.64 17.13 -11.58
N ALA D 150 -23.70 17.80 -12.04
CA ALA D 150 -23.60 18.80 -13.08
C ALA D 150 -24.29 20.06 -12.60
N TRP D 151 -23.69 21.20 -12.90
CA TRP D 151 -24.25 22.48 -12.51
C TRP D 151 -24.73 23.24 -13.74
N LYS D 152 -25.79 24.01 -13.58
CA LYS D 152 -26.33 24.85 -14.64
C LYS D 152 -26.45 26.29 -14.17
N ALA D 153 -26.07 27.21 -15.05
CA ALA D 153 -26.37 28.63 -14.86
C ALA D 153 -27.47 28.92 -15.85
N ASP D 154 -28.65 29.30 -15.35
CA ASP D 154 -29.85 29.27 -16.17
C ASP D 154 -29.95 27.86 -16.76
N SER D 155 -29.93 27.73 -18.08
CA SER D 155 -29.99 26.40 -18.69
C SER D 155 -28.68 25.97 -19.33
N SER D 156 -27.63 26.77 -19.15
CA SER D 156 -26.31 26.45 -19.69
C SER D 156 -25.51 25.65 -18.68
N PRO D 157 -24.71 24.69 -19.15
CA PRO D 157 -23.84 23.98 -18.22
C PRO D 157 -22.68 24.86 -17.75
N VAL D 158 -22.32 24.75 -16.48
CA VAL D 158 -21.16 25.45 -15.95
C VAL D 158 -20.16 24.45 -15.41
N ARG D 159 -18.93 24.52 -15.89
CA ARG D 159 -17.88 23.62 -15.41
C ARG D 159 -16.87 24.36 -14.54
N ALA D 160 -16.63 25.63 -14.85
CA ALA D 160 -15.65 26.39 -14.08
C ALA D 160 -16.16 26.63 -12.67
N GLY D 161 -15.27 26.47 -11.69
CA GLY D 161 -15.57 26.83 -10.33
C GLY D 161 -16.22 25.71 -9.53
N VAL D 162 -16.26 24.51 -10.09
CA VAL D 162 -16.92 23.39 -9.42
C VAL D 162 -15.91 22.48 -8.72
N GLU D 163 -16.19 22.13 -7.48
CA GLU D 163 -15.44 21.10 -6.77
C GLU D 163 -16.43 20.15 -6.11
N THR D 164 -16.24 18.86 -6.35
CA THR D 164 -17.14 17.83 -5.82
C THR D 164 -16.34 16.80 -5.03
N THR D 165 -16.83 16.44 -3.85
CA THR D 165 -16.10 15.49 -3.02
C THR D 165 -16.31 14.07 -3.51
N THR D 166 -15.43 13.17 -3.07
CA THR D 166 -15.68 11.76 -3.24
C THR D 166 -16.89 11.39 -2.38
N PRO D 167 -17.56 10.27 -2.69
CA PRO D 167 -18.64 9.80 -1.83
C PRO D 167 -18.05 9.20 -0.57
N SER D 168 -18.72 9.39 0.56
CA SER D 168 -18.22 8.83 1.82
C SER D 168 -19.29 7.99 2.45
N LYS D 169 -18.90 6.82 2.96
CA LYS D 169 -19.84 5.92 3.60
C LYS D 169 -20.37 6.49 4.91
N GLN D 170 -21.69 6.62 5.00
CA GLN D 170 -22.36 7.11 6.20
C GLN D 170 -22.48 5.98 7.21
N SER D 171 -22.91 6.32 8.42
CA SER D 171 -23.07 5.32 9.46
C SER D 171 -24.21 4.37 9.12
N ASN D 172 -25.22 4.88 8.43
CA ASN D 172 -26.35 4.05 8.03
C ASN D 172 -26.04 3.17 6.82
N ASN D 173 -24.76 3.12 6.43
CA ASN D 173 -24.29 2.25 5.36
C ASN D 173 -24.51 2.79 3.93
N LYS D 174 -25.15 3.95 3.85
CA LYS D 174 -25.33 4.61 2.57
C LYS D 174 -24.25 5.67 2.45
N TYR D 175 -24.34 6.51 1.42
CA TYR D 175 -23.25 7.43 1.11
C TYR D 175 -23.69 8.88 1.04
N ALA D 176 -22.72 9.78 1.22
CA ALA D 176 -22.94 11.21 1.16
C ALA D 176 -21.84 11.87 0.32
N ALA D 177 -22.18 12.97 -0.33
CA ALA D 177 -21.18 13.77 -1.01
C ALA D 177 -21.61 15.23 -0.99
N SER D 178 -20.72 16.12 -1.39
CA SER D 178 -21.14 17.50 -1.59
C SER D 178 -20.42 18.11 -2.78
N SER D 179 -21.04 19.13 -3.34
CA SER D 179 -20.44 19.84 -4.47
C SER D 179 -20.61 21.33 -4.23
N TYR D 180 -19.56 22.08 -4.56
CA TYR D 180 -19.48 23.51 -4.32
C TYR D 180 -19.24 24.23 -5.62
N LEU D 181 -20.01 25.28 -5.86
CA LEU D 181 -19.79 26.13 -7.03
C LEU D 181 -19.37 27.51 -6.56
N SER D 182 -18.13 27.89 -6.85
CA SER D 182 -17.63 29.21 -6.52
C SER D 182 -17.88 30.19 -7.67
N LEU D 183 -18.52 31.31 -7.35
CA LEU D 183 -18.87 32.36 -8.33
C LEU D 183 -18.48 33.73 -7.79
N THR D 184 -18.41 34.73 -8.67
CA THR D 184 -18.35 36.10 -8.20
C THR D 184 -19.79 36.51 -7.87
N PRO D 185 -19.96 37.50 -6.98
CA PRO D 185 -21.31 37.98 -6.75
C PRO D 185 -21.98 38.44 -8.06
N GLU D 186 -21.18 38.99 -8.98
CA GLU D 186 -21.75 39.43 -10.26
C GLU D 186 -22.32 38.29 -11.08
N GLN D 187 -21.59 37.19 -11.16
CA GLN D 187 -22.09 35.99 -11.83
C GLN D 187 -23.37 35.52 -11.19
N TRP D 188 -23.37 35.42 -9.86
CA TRP D 188 -24.54 34.97 -9.15
C TRP D 188 -25.72 35.87 -9.48
N LYS D 189 -25.49 37.18 -9.53
CA LYS D 189 -26.59 38.11 -9.73
C LYS D 189 -26.97 38.25 -11.21
N SER D 190 -26.08 37.82 -12.11
CA SER D 190 -26.33 37.94 -13.56
C SER D 190 -27.28 36.91 -14.15
N HIS D 191 -27.55 35.83 -13.42
CA HIS D 191 -28.42 34.78 -13.93
C HIS D 191 -29.75 34.73 -13.17
N ARG D 192 -30.76 34.13 -13.78
CA ARG D 192 -32.06 33.99 -13.15
C ARG D 192 -32.01 32.91 -12.07
N SER D 193 -31.24 31.86 -12.34
CA SER D 193 -31.11 30.76 -11.40
C SER D 193 -29.84 29.97 -11.66
N TYR D 194 -29.45 29.18 -10.66
CA TYR D 194 -28.45 28.15 -10.82
C TYR D 194 -29.05 26.85 -10.31
N SER D 195 -28.59 25.74 -10.88
CA SER D 195 -29.08 24.43 -10.51
C SER D 195 -27.95 23.45 -10.23
N CYS D 196 -28.19 22.56 -9.27
CA CYS D 196 -27.33 21.41 -9.03
C CYS D 196 -28.11 20.17 -9.44
N GLN D 197 -27.57 19.42 -10.39
CA GLN D 197 -28.21 18.22 -10.93
C GLN D 197 -27.40 17.00 -10.56
N VAL D 198 -28.01 16.10 -9.78
CA VAL D 198 -27.33 14.90 -9.32
C VAL D 198 -27.88 13.67 -10.02
N THR D 199 -27.01 12.95 -10.72
CA THR D 199 -27.41 11.74 -11.43
C THR D 199 -26.96 10.51 -10.65
N HIS D 200 -27.88 9.57 -10.49
CA HIS D 200 -27.61 8.36 -9.71
C HIS D 200 -28.39 7.20 -10.33
N GLU D 201 -27.68 6.15 -10.72
CA GLU D 201 -28.33 5.00 -11.33
C GLU D 201 -29.29 5.44 -12.43
N GLY D 202 -28.78 6.30 -13.31
CA GLY D 202 -29.53 6.72 -14.48
C GLY D 202 -30.62 7.75 -14.24
N SER D 203 -30.96 8.02 -12.99
CA SER D 203 -31.98 9.02 -12.69
C SER D 203 -31.36 10.30 -12.14
N THR D 204 -31.97 11.43 -12.48
CA THR D 204 -31.41 12.72 -12.09
C THR D 204 -32.31 13.45 -11.09
N VAL D 205 -31.69 13.95 -10.01
CA VAL D 205 -32.39 14.75 -9.02
C VAL D 205 -31.82 16.17 -9.12
N GLU D 206 -32.70 17.16 -9.21
CA GLU D 206 -32.25 18.53 -9.42
C GLU D 206 -32.82 19.49 -8.37
N LYS D 207 -31.97 20.41 -7.92
CA LYS D 207 -32.44 21.52 -7.11
C LYS D 207 -31.95 22.83 -7.71
N THR D 208 -32.74 23.88 -7.52
CA THR D 208 -32.49 25.19 -8.12
C THR D 208 -32.61 26.30 -7.09
N VAL D 209 -31.74 27.30 -7.18
CA VAL D 209 -31.85 28.49 -6.34
C VAL D 209 -31.64 29.74 -7.17
N ALA D 210 -32.16 30.85 -6.67
CA ALA D 210 -32.14 32.12 -7.39
C ALA D 210 -31.79 33.27 -6.46
N PRO D 211 -31.22 34.34 -7.02
CA PRO D 211 -30.82 35.50 -6.21
C PRO D 211 -31.95 36.16 -5.42
N THR D 212 -31.60 36.72 -4.26
CA THR D 212 -32.51 37.49 -3.42
C THR D 212 -33.60 36.65 -2.78
N GLU D 213 -34.73 36.54 -3.48
CA GLU D 213 -35.91 35.85 -2.95
C GLU D 213 -36.59 36.62 -1.83
N CYS D 214 -35.93 36.67 -0.66
CA CYS D 214 -36.47 37.33 0.52
C CYS D 214 -37.70 36.63 1.07
N GLN E 1 10.43 -12.23 -10.16
CA GLN E 1 10.41 -11.47 -8.92
C GLN E 1 10.77 -10.00 -9.12
N VAL E 2 10.42 -9.46 -10.28
CA VAL E 2 10.66 -8.05 -10.57
C VAL E 2 9.60 -7.20 -9.86
N GLN E 3 10.07 -6.19 -9.12
CA GLN E 3 9.16 -5.33 -8.38
C GLN E 3 9.55 -3.89 -8.61
N LEU E 4 8.57 -2.99 -8.52
CA LEU E 4 8.80 -1.57 -8.75
C LEU E 4 8.49 -0.80 -7.48
N GLN E 5 9.26 0.25 -7.24
CA GLN E 5 8.99 1.13 -6.10
C GLN E 5 9.31 2.58 -6.42
N GLU E 6 8.32 3.44 -6.20
CA GLU E 6 8.48 4.87 -6.41
C GLU E 6 9.12 5.54 -5.21
N SER E 7 9.90 6.57 -5.48
CA SER E 7 10.48 7.43 -4.47
C SER E 7 10.08 8.85 -4.83
N GLY E 8 9.38 9.52 -3.92
CA GLY E 8 8.95 10.88 -4.14
C GLY E 8 9.11 11.72 -2.88
N PRO E 9 8.87 13.03 -2.97
CA PRO E 9 9.19 13.96 -1.89
C PRO E 9 8.08 14.18 -0.85
N GLY E 10 6.89 13.70 -1.13
CA GLY E 10 5.78 13.91 -0.22
C GLY E 10 5.11 15.25 -0.43
N LEU E 11 5.81 16.33 -0.08
CA LEU E 11 5.26 17.67 -0.21
C LEU E 11 6.13 18.45 -1.19
N VAL E 12 5.50 19.16 -2.11
CA VAL E 12 6.22 20.08 -3.00
C VAL E 12 5.44 21.40 -3.03
N LYS E 13 6.15 22.52 -3.18
CA LYS E 13 5.47 23.83 -3.28
C LYS E 13 5.14 24.18 -4.73
N PRO E 14 4.00 24.86 -4.95
CA PRO E 14 3.66 25.30 -6.31
C PRO E 14 4.82 26.06 -6.94
N SER E 15 5.04 25.83 -8.23
CA SER E 15 6.09 26.45 -9.02
C SER E 15 7.41 25.67 -8.97
N GLU E 16 7.54 24.76 -8.02
CA GLU E 16 8.75 23.95 -7.93
C GLU E 16 8.74 22.81 -8.95
N THR E 17 9.87 22.12 -9.08
CA THR E 17 9.97 20.94 -9.94
C THR E 17 9.83 19.67 -9.11
N LEU E 18 8.97 18.76 -9.55
CA LEU E 18 8.80 17.48 -8.89
C LEU E 18 9.78 16.49 -9.49
N SER E 19 10.55 15.82 -8.65
CA SER E 19 11.43 14.75 -9.10
C SER E 19 11.07 13.43 -8.46
N LEU E 20 10.83 12.42 -9.30
CA LEU E 20 10.55 11.07 -8.85
C LEU E 20 11.56 10.09 -9.40
N THR E 21 11.77 9.02 -8.66
CA THR E 21 12.56 7.89 -9.14
C THR E 21 11.78 6.58 -8.96
N CYS E 22 11.92 5.68 -9.91
CA CYS E 22 11.38 4.33 -9.78
C CYS E 22 12.54 3.35 -9.69
N THR E 23 12.53 2.50 -8.67
CA THR E 23 13.55 1.48 -8.49
C THR E 23 13.00 0.13 -8.87
N VAL E 24 13.68 -0.52 -9.81
CA VAL E 24 13.31 -1.83 -10.27
C VAL E 24 14.25 -2.85 -9.63
N SER E 25 13.68 -3.81 -8.94
CA SER E 25 14.50 -4.80 -8.26
C SER E 25 14.17 -6.20 -8.74
N GLY E 26 15.14 -7.10 -8.62
CA GLY E 26 14.90 -8.50 -8.96
C GLY E 26 14.96 -8.80 -10.45
N GLY E 27 15.37 -7.82 -11.22
CA GLY E 27 15.40 -7.97 -12.66
C GLY E 27 15.84 -6.66 -13.28
N SER E 28 16.07 -6.68 -14.58
CA SER E 28 16.65 -5.54 -15.26
C SER E 28 15.59 -4.65 -15.93
N ILE E 29 15.94 -3.38 -16.10
CA ILE E 29 15.14 -2.46 -16.90
C ILE E 29 15.28 -2.84 -18.37
N SER E 30 16.34 -3.57 -18.67
CA SER E 30 16.65 -3.93 -20.05
C SER E 30 15.52 -4.66 -20.77
N GLY E 31 15.29 -4.27 -22.02
CA GLY E 31 14.33 -4.95 -22.87
C GLY E 31 12.90 -4.49 -22.69
N PHE E 32 12.67 -3.49 -21.85
CA PHE E 32 11.31 -3.01 -21.64
C PHE E 32 11.14 -1.50 -21.78
N HIS E 33 9.90 -1.08 -22.00
CA HIS E 33 9.50 0.31 -21.91
C HIS E 33 8.87 0.50 -20.54
N TRP E 34 9.09 1.69 -19.96
CA TRP E 34 8.69 1.98 -18.59
C TRP E 34 7.92 3.30 -18.56
N SER E 35 6.91 3.38 -17.71
CA SER E 35 6.04 4.56 -17.71
C SER E 35 5.78 5.13 -16.32
N TRP E 36 5.32 6.38 -16.33
CA TRP E 36 4.71 7.00 -15.16
C TRP E 36 3.24 7.23 -15.44
N ILE E 37 2.40 6.94 -14.46
CA ILE E 37 0.95 7.18 -14.56
C ILE E 37 0.57 7.87 -13.26
N ARG E 38 -0.36 8.81 -13.30
CA ARG E 38 -0.74 9.49 -12.06
C ARG E 38 -2.24 9.48 -11.86
N GLN E 39 -2.66 9.69 -10.62
CA GLN E 39 -4.07 9.64 -10.28
C GLN E 39 -4.38 10.68 -9.20
N PRO E 40 -4.99 11.79 -9.60
CA PRO E 40 -5.40 12.76 -8.58
C PRO E 40 -6.41 12.11 -7.65
N PRO E 41 -6.49 12.57 -6.41
CA PRO E 41 -7.39 11.96 -5.44
C PRO E 41 -8.82 11.96 -5.98
N GLY E 42 -9.47 10.80 -5.93
CA GLY E 42 -10.86 10.68 -6.34
C GLY E 42 -11.06 10.80 -7.83
N LYS E 43 -9.97 10.86 -8.59
CA LYS E 43 -10.06 11.01 -10.04
C LYS E 43 -9.49 9.79 -10.79
N GLY E 44 -9.46 9.89 -12.12
CA GLY E 44 -9.00 8.80 -12.96
C GLY E 44 -7.50 8.78 -13.21
N LEU E 45 -7.05 7.77 -13.94
CA LEU E 45 -5.65 7.59 -14.25
C LEU E 45 -5.24 8.41 -15.46
N GLU E 46 -4.02 8.93 -15.42
CA GLU E 46 -3.47 9.70 -16.53
C GLU E 46 -2.03 9.24 -16.82
N TYR E 47 -1.80 8.81 -18.05
CA TYR E 47 -0.47 8.39 -18.47
C TYR E 47 0.38 9.63 -18.71
N ILE E 48 1.64 9.57 -18.30
CA ILE E 48 2.55 10.72 -18.42
C ILE E 48 3.51 10.56 -19.59
N GLY E 49 4.04 9.34 -19.76
CA GLY E 49 4.95 9.07 -20.86
C GLY E 49 5.64 7.75 -20.70
N TYR E 50 6.44 7.36 -21.68
CA TYR E 50 7.25 6.14 -21.54
C TYR E 50 8.71 6.40 -21.86
N ILE E 51 9.57 5.52 -21.34
CA ILE E 51 10.98 5.58 -21.67
C ILE E 51 11.46 4.16 -21.92
N TYR E 52 12.16 3.95 -23.03
CA TYR E 52 12.70 2.63 -23.35
C TYR E 52 14.02 2.46 -22.62
N TYR E 53 14.44 1.23 -22.34
CA TYR E 53 15.63 1.04 -21.52
C TYR E 53 16.85 1.74 -22.10
N SER E 54 16.87 1.87 -23.43
CA SER E 54 18.04 2.43 -24.10
C SER E 54 17.96 3.95 -24.25
N GLY E 55 16.85 4.52 -23.79
CA GLY E 55 16.74 5.97 -23.63
C GLY E 55 15.67 6.69 -24.43
N SER E 56 15.07 6.05 -25.43
CA SER E 56 14.07 6.73 -26.25
C SER E 56 12.87 7.09 -25.39
N THR E 57 12.28 8.25 -25.63
CA THR E 57 11.15 8.71 -24.82
C THR E 57 9.93 9.08 -25.67
N SER E 58 8.76 9.10 -25.03
CA SER E 58 7.56 9.65 -25.64
C SER E 58 6.70 10.18 -24.50
N TYR E 59 6.27 11.44 -24.60
CA TYR E 59 5.52 12.06 -23.51
C TYR E 59 4.10 12.44 -23.91
N ASN E 60 3.17 12.32 -22.98
CA ASN E 60 1.80 12.76 -23.21
C ASN E 60 1.80 14.21 -23.67
N PRO E 61 1.24 14.49 -24.86
CA PRO E 61 1.25 15.87 -25.36
C PRO E 61 0.73 16.91 -24.38
N SER E 62 -0.21 16.54 -23.52
CA SER E 62 -0.76 17.51 -22.58
C SER E 62 0.24 17.89 -21.47
N LEU E 63 1.27 17.08 -21.29
CA LEU E 63 2.28 17.34 -20.25
C LEU E 63 3.67 17.57 -20.83
N LYS E 64 3.84 17.25 -22.11
CA LYS E 64 5.05 17.61 -22.81
C LYS E 64 5.29 19.09 -22.56
N SER E 65 6.55 19.51 -22.53
CA SER E 65 6.90 20.89 -22.22
C SER E 65 7.15 21.08 -20.74
N ARG E 66 6.51 20.26 -19.90
CA ARG E 66 6.79 20.28 -18.47
C ARG E 66 7.44 18.98 -18.00
N VAL E 67 7.52 18.00 -18.90
CA VAL E 67 7.96 16.65 -18.51
C VAL E 67 9.31 16.25 -19.09
N SER E 68 10.11 15.58 -18.29
CA SER E 68 11.22 14.82 -18.84
C SER E 68 11.39 13.52 -18.05
N MET E 69 11.83 12.49 -18.75
CA MET E 69 12.13 11.20 -18.11
C MET E 69 13.54 10.81 -18.49
N SER E 70 14.18 10.04 -17.63
CA SER E 70 15.51 9.55 -17.92
C SER E 70 15.65 8.16 -17.33
N VAL E 71 16.64 7.42 -17.81
CA VAL E 71 16.83 6.05 -17.34
C VAL E 71 18.27 5.84 -16.91
N ASP E 72 18.46 5.11 -15.82
CA ASP E 72 19.80 4.79 -15.32
C ASP E 72 19.91 3.28 -15.23
N THR E 73 20.25 2.62 -16.34
CA THR E 73 20.30 1.16 -16.33
C THR E 73 21.32 0.64 -15.31
N SER E 74 22.32 1.43 -14.98
CA SER E 74 23.32 1.00 -14.00
C SER E 74 22.74 0.83 -12.60
N ARG E 75 21.70 1.61 -12.29
CA ARG E 75 21.06 1.50 -10.98
C ARG E 75 19.68 0.87 -11.09
N ASN E 76 19.35 0.38 -12.28
CA ASN E 76 18.02 -0.16 -12.55
C ASN E 76 16.92 0.77 -12.08
N GLN E 77 17.10 2.06 -12.38
CA GLN E 77 16.14 3.09 -12.02
C GLN E 77 15.74 3.90 -13.24
N PHE E 78 14.54 4.48 -13.21
CA PHE E 78 14.23 5.53 -14.15
C PHE E 78 13.52 6.66 -13.41
N SER E 79 13.41 7.81 -14.05
CA SER E 79 12.97 8.99 -13.30
C SER E 79 11.98 9.84 -14.05
N LEU E 80 11.35 10.75 -13.30
CA LEU E 80 10.45 11.74 -13.86
C LEU E 80 10.80 13.10 -13.29
N GLU E 81 10.83 14.11 -14.15
CA GLU E 81 10.88 15.50 -13.70
C GLU E 81 9.66 16.21 -14.27
N LEU E 82 8.87 16.82 -13.39
CA LEU E 82 7.72 17.59 -13.83
C LEU E 82 7.88 19.00 -13.31
N SER E 83 8.04 19.97 -14.21
CA SER E 83 8.35 21.34 -13.80
C SER E 83 7.11 22.18 -13.50
N SER E 84 7.32 23.27 -12.77
CA SER E 84 6.30 24.28 -12.51
C SER E 84 4.99 23.67 -12.02
N VAL E 85 5.05 22.93 -10.93
CA VAL E 85 3.85 22.22 -10.49
C VAL E 85 2.82 23.17 -9.90
N THR E 86 1.56 22.73 -9.94
CA THR E 86 0.48 23.42 -9.25
C THR E 86 -0.36 22.37 -8.54
N ALA E 87 -1.41 22.82 -7.86
CA ALA E 87 -2.29 21.90 -7.12
C ALA E 87 -2.90 20.84 -8.03
N ALA E 88 -3.06 21.16 -9.30
CA ALA E 88 -3.55 20.18 -10.26
C ALA E 88 -2.62 18.97 -10.42
N ASP E 89 -1.37 19.11 -9.97
CA ASP E 89 -0.42 18.00 -10.06
C ASP E 89 -0.38 17.15 -8.80
N THR E 90 -1.21 17.48 -7.82
CA THR E 90 -1.36 16.62 -6.65
C THR E 90 -1.98 15.31 -7.08
N ALA E 91 -1.31 14.20 -6.78
CA ALA E 91 -1.78 12.90 -7.25
C ALA E 91 -0.92 11.80 -6.66
N VAL E 92 -1.42 10.58 -6.72
CA VAL E 92 -0.56 9.41 -6.55
C VAL E 92 0.14 9.16 -7.86
N TYR E 93 1.47 9.08 -7.82
CA TYR E 93 2.25 8.78 -9.03
C TYR E 93 2.73 7.34 -8.99
N TYR E 94 2.45 6.61 -10.07
CA TYR E 94 2.82 5.20 -10.19
C TYR E 94 3.89 5.06 -11.24
N CYS E 95 4.88 4.22 -10.99
CA CYS E 95 5.70 3.77 -12.10
C CYS E 95 5.22 2.39 -12.55
N ALA E 96 5.44 2.06 -13.83
CA ALA E 96 4.90 0.81 -14.37
C ALA E 96 5.78 0.26 -15.49
N ARG E 97 5.64 -1.04 -15.75
CA ARG E 97 6.25 -1.67 -16.92
C ARG E 97 5.22 -1.81 -18.02
N ASP E 98 5.62 -1.57 -19.27
CA ASP E 98 4.67 -1.43 -20.36
C ASP E 98 4.66 -2.64 -21.31
N PHE E 99 3.57 -2.75 -22.06
CA PHE E 99 3.49 -3.68 -23.19
C PHE E 99 2.63 -3.07 -24.27
N GLY E 100 2.62 -3.68 -25.46
CA GLY E 100 1.85 -3.08 -26.54
C GLY E 100 2.26 -3.57 -27.91
N GLU E 101 2.45 -2.63 -28.84
CA GLU E 101 2.82 -3.00 -30.21
C GLU E 101 4.01 -2.17 -30.67
N TYR E 102 4.90 -2.76 -31.46
CA TYR E 102 6.02 -1.98 -31.97
C TYR E 102 5.97 -1.94 -33.49
N HIS E 103 6.09 -0.73 -34.03
CA HIS E 103 6.05 -0.53 -35.48
C HIS E 103 7.41 -0.07 -35.99
N TYR E 104 7.74 -0.44 -37.22
CA TYR E 104 9.02 -0.09 -37.83
C TYR E 104 8.85 0.99 -38.89
N ASP E 105 7.65 1.55 -38.96
CA ASP E 105 7.32 2.54 -39.97
C ASP E 105 7.46 3.97 -39.44
N GLY E 106 8.08 4.12 -38.27
CA GLY E 106 8.28 5.41 -37.67
C GLY E 106 7.46 5.62 -36.40
N ARG E 107 6.40 4.85 -36.25
CA ARG E 107 5.54 5.01 -35.07
C ARG E 107 6.17 4.44 -33.82
N GLY E 108 7.15 3.55 -34.00
CA GLY E 108 7.83 2.96 -32.85
C GLY E 108 6.87 2.27 -31.90
N PHE E 109 7.14 2.40 -30.60
CA PHE E 109 6.35 1.70 -29.59
C PHE E 109 5.01 2.38 -29.33
N GLN E 110 3.96 1.56 -29.28
CA GLN E 110 2.64 2.03 -28.91
C GLN E 110 2.25 1.34 -27.61
N CYS E 111 2.12 2.15 -26.56
CA CYS E 111 1.89 1.62 -25.22
C CYS E 111 0.40 1.34 -25.02
N GLU E 112 0.05 0.06 -24.93
CA GLU E 112 -1.35 -0.32 -24.84
C GLU E 112 -1.76 -0.71 -23.43
N GLY E 113 -0.78 -0.91 -22.56
CA GLY E 113 -1.09 -1.33 -21.20
C GLY E 113 0.11 -1.49 -20.31
N PHE E 114 -0.16 -1.85 -19.05
CA PHE E 114 0.84 -1.84 -18.00
C PHE E 114 0.70 -3.07 -17.14
N ASP E 115 1.72 -3.92 -17.11
CA ASP E 115 1.61 -5.19 -16.41
C ASP E 115 2.08 -5.19 -14.95
N LEU E 116 3.18 -4.48 -14.68
CA LEU E 116 3.75 -4.38 -13.35
C LEU E 116 3.65 -2.92 -12.90
N TRP E 117 3.23 -2.71 -11.66
CA TRP E 117 3.02 -1.38 -11.09
C TRP E 117 3.70 -1.28 -9.74
N GLY E 118 4.22 -0.09 -9.43
CA GLY E 118 4.69 0.20 -8.08
C GLY E 118 3.48 0.45 -7.19
N GLN E 119 3.72 0.64 -5.90
CA GLN E 119 2.64 0.86 -4.94
C GLN E 119 2.07 2.27 -5.06
N GLY E 120 2.85 3.17 -5.68
CA GLY E 120 2.45 4.57 -5.84
C GLY E 120 3.03 5.45 -4.76
N THR E 121 3.38 6.69 -5.10
CA THR E 121 3.77 7.66 -4.08
C THR E 121 2.88 8.90 -4.16
N LEU E 122 2.34 9.31 -3.01
CA LEU E 122 1.45 10.46 -2.99
C LEU E 122 2.24 11.77 -2.98
N VAL E 123 2.06 12.58 -4.02
CA VAL E 123 2.68 13.89 -4.11
C VAL E 123 1.63 14.95 -3.80
N THR E 124 1.87 15.71 -2.72
CA THR E 124 0.98 16.78 -2.30
C THR E 124 1.61 18.11 -2.72
N VAL E 125 0.95 18.84 -3.62
CA VAL E 125 1.45 20.14 -4.04
C VAL E 125 0.66 21.21 -3.30
N SER E 126 1.32 21.86 -2.35
CA SER E 126 0.64 22.82 -1.49
C SER E 126 1.62 23.82 -0.91
N SER E 127 1.21 25.09 -0.89
CA SER E 127 1.97 26.13 -0.21
C SER E 127 1.14 26.73 0.91
N ALA E 128 -0.06 26.17 1.13
CA ALA E 128 -0.98 26.76 2.09
C ALA E 128 -0.36 26.89 3.47
N SER E 129 -0.68 28.01 4.12
CA SER E 129 -0.25 28.27 5.48
C SER E 129 -1.44 28.11 6.41
N THR E 130 -1.17 27.84 7.69
CA THR E 130 -2.24 27.72 8.67
C THR E 130 -3.17 28.93 8.60
N LYS E 131 -4.47 28.66 8.52
CA LYS E 131 -5.48 29.70 8.37
C LYS E 131 -6.83 29.22 8.88
N GLY E 132 -7.43 29.98 9.78
CA GLY E 132 -8.74 29.63 10.31
C GLY E 132 -9.84 29.91 9.32
N PRO E 133 -11.00 29.27 9.50
CA PRO E 133 -12.08 29.39 8.53
C PRO E 133 -12.90 30.66 8.72
N SER E 134 -13.51 31.12 7.63
CA SER E 134 -14.62 32.04 7.73
C SER E 134 -15.88 31.22 7.80
N VAL E 135 -16.80 31.59 8.68
CA VAL E 135 -18.03 30.82 8.82
C VAL E 135 -19.23 31.63 8.37
N PHE E 136 -20.06 31.02 7.51
CA PHE E 136 -21.27 31.66 6.98
C PHE E 136 -22.51 30.82 7.24
N PRO E 137 -23.63 31.49 7.55
CA PRO E 137 -24.85 30.75 7.83
C PRO E 137 -25.49 30.29 6.53
N LEU E 138 -26.07 29.09 6.58
CA LEU E 138 -26.86 28.56 5.48
C LEU E 138 -28.32 28.53 5.93
N ALA E 139 -29.04 29.61 5.63
CA ALA E 139 -30.38 29.82 6.17
C ALA E 139 -31.40 28.82 5.65
N PRO E 140 -32.33 28.41 6.52
CA PRO E 140 -33.41 27.52 6.11
C PRO E 140 -34.25 28.21 5.05
N SER E 141 -34.65 27.46 4.01
CA SER E 141 -35.41 28.01 2.90
C SER E 141 -36.71 28.62 3.40
N SER E 142 -36.96 29.86 2.99
CA SER E 142 -38.08 30.65 3.49
C SER E 142 -39.32 29.83 3.84
N LYS E 143 -39.97 30.19 4.94
CA LYS E 143 -41.18 29.50 5.38
C LYS E 143 -42.36 29.77 4.46
N SER E 144 -42.10 29.75 3.15
CA SER E 144 -43.15 29.96 2.16
C SER E 144 -44.19 28.83 2.24
N THR E 145 -45.16 29.01 3.12
CA THR E 145 -46.21 28.02 3.37
C THR E 145 -45.65 26.61 3.60
N SER E 146 -44.86 26.46 4.65
CA SER E 146 -44.21 25.18 4.95
C SER E 146 -44.36 24.78 6.42
N GLY E 147 -44.22 23.48 6.69
CA GLY E 147 -44.32 22.96 8.05
C GLY E 147 -43.98 21.49 8.18
N GLY E 148 -42.88 21.08 7.53
CA GLY E 148 -42.44 19.70 7.60
C GLY E 148 -41.01 19.55 8.11
N THR E 149 -40.10 19.11 7.23
CA THR E 149 -38.68 19.03 7.55
C THR E 149 -37.92 20.18 6.85
N ALA E 150 -37.05 20.85 7.59
CA ALA E 150 -36.26 21.95 7.03
C ALA E 150 -34.77 21.72 7.26
N ALA E 151 -33.94 22.23 6.35
CA ALA E 151 -32.50 22.10 6.50
C ALA E 151 -31.85 23.47 6.66
N LEU E 152 -30.90 23.56 7.59
CA LEU E 152 -30.15 24.79 7.79
C LEU E 152 -28.73 24.37 8.16
N GLY E 153 -27.77 25.28 8.06
CA GLY E 153 -26.42 24.90 8.36
C GLY E 153 -25.40 26.01 8.44
N CYS E 154 -24.15 25.59 8.43
CA CYS E 154 -23.03 26.52 8.44
C CYS E 154 -22.04 26.08 7.40
N LEU E 155 -21.54 27.04 6.63
CA LEU E 155 -20.50 26.81 5.66
C LEU E 155 -19.21 27.25 6.31
N VAL E 156 -18.26 26.32 6.42
CA VAL E 156 -16.99 26.57 7.06
C VAL E 156 -15.93 26.67 5.97
N LYS E 157 -15.52 27.90 5.67
CA LYS E 157 -14.86 28.20 4.42
C LYS E 157 -13.39 28.60 4.50
N ASP E 158 -12.59 28.03 3.60
CA ASP E 158 -11.22 28.46 3.37
C ASP E 158 -10.33 28.32 4.60
N TYR E 159 -10.17 27.10 5.07
CA TYR E 159 -9.25 26.86 6.19
C TYR E 159 -8.13 25.89 5.81
N PHE E 160 -7.07 25.90 6.60
CA PHE E 160 -5.98 24.94 6.40
C PHE E 160 -5.19 24.85 7.70
N PRO E 161 -4.73 23.65 8.09
CA PRO E 161 -4.98 22.35 7.45
C PRO E 161 -6.27 21.76 8.00
N GLU E 162 -6.66 20.60 7.50
CA GLU E 162 -7.69 19.81 8.14
C GLU E 162 -7.14 19.42 9.50
N PRO E 163 -8.02 19.15 10.47
CA PRO E 163 -9.47 19.15 10.42
C PRO E 163 -10.12 20.30 11.17
N VAL E 164 -11.42 20.44 10.99
CA VAL E 164 -12.20 21.36 11.84
C VAL E 164 -13.23 20.52 12.56
N THR E 165 -13.67 21.02 13.71
CA THR E 165 -14.73 20.39 14.47
C THR E 165 -15.94 21.30 14.45
N VAL E 166 -17.13 20.71 14.32
CA VAL E 166 -18.35 21.49 14.36
C VAL E 166 -19.31 20.86 15.35
N SER E 167 -19.81 21.66 16.28
CA SER E 167 -20.94 21.22 17.10
C SER E 167 -22.06 22.23 16.94
N TRP E 168 -23.23 21.92 17.49
CA TRP E 168 -24.40 22.79 17.43
C TRP E 168 -24.97 23.05 18.81
N ASN E 169 -25.31 24.31 19.08
CA ASN E 169 -25.92 24.68 20.34
C ASN E 169 -25.08 24.22 21.53
N SER E 170 -23.78 24.46 21.43
CA SER E 170 -22.81 24.14 22.47
C SER E 170 -22.79 22.66 22.81
N GLY E 171 -23.22 21.82 21.89
CA GLY E 171 -23.19 20.38 22.08
C GLY E 171 -24.53 19.78 22.47
N ALA E 172 -25.50 20.64 22.74
CA ALA E 172 -26.84 20.20 23.12
C ALA E 172 -27.60 19.57 21.97
N LEU E 173 -27.27 19.97 20.74
CA LEU E 173 -28.01 19.51 19.57
C LEU E 173 -27.17 18.52 18.76
N THR E 174 -27.59 17.26 18.71
CA THR E 174 -26.86 16.24 17.97
C THR E 174 -27.77 15.54 16.97
N SER E 175 -29.04 15.38 17.30
CA SER E 175 -29.94 14.66 16.40
C SER E 175 -30.17 15.47 15.11
N GLY E 176 -30.04 14.82 13.97
CA GLY E 176 -30.30 15.48 12.71
C GLY E 176 -29.14 16.31 12.18
N VAL E 177 -27.99 16.22 12.85
CA VAL E 177 -26.79 16.92 12.40
C VAL E 177 -25.96 16.05 11.47
N HIS E 178 -25.59 16.58 10.30
CA HIS E 178 -24.73 15.88 9.35
C HIS E 178 -23.61 16.82 8.93
N THR E 179 -22.40 16.53 9.37
CA THR E 179 -21.25 17.34 8.98
C THR E 179 -20.54 16.61 7.83
N PHE E 180 -20.47 17.28 6.68
CA PHE E 180 -19.97 16.65 5.46
C PHE E 180 -18.47 16.76 5.32
N PRO E 181 -17.84 15.72 4.73
CA PRO E 181 -16.41 15.82 4.45
C PRO E 181 -16.10 17.05 3.61
N ALA E 182 -14.92 17.61 3.84
CA ALA E 182 -14.52 18.84 3.17
C ALA E 182 -14.19 18.65 1.70
N VAL E 183 -14.37 19.74 0.95
CA VAL E 183 -13.83 19.84 -0.40
C VAL E 183 -12.48 20.58 -0.33
N LEU E 184 -11.59 20.27 -1.26
CA LEU E 184 -10.32 20.99 -1.35
C LEU E 184 -10.32 21.87 -2.60
N GLN E 185 -10.09 23.16 -2.42
CA GLN E 185 -10.09 24.12 -3.53
C GLN E 185 -8.70 24.22 -4.14
N SER E 186 -8.63 24.75 -5.36
CA SER E 186 -7.34 24.90 -6.04
C SER E 186 -6.44 25.89 -5.30
N SER E 187 -7.06 26.70 -4.44
CA SER E 187 -6.32 27.58 -3.55
C SER E 187 -5.47 26.81 -2.55
N GLY E 188 -5.79 25.53 -2.36
CA GLY E 188 -5.11 24.73 -1.36
C GLY E 188 -5.80 24.80 -0.01
N LEU E 189 -6.93 25.51 0.05
CA LEU E 189 -7.71 25.63 1.28
C LEU E 189 -8.96 24.79 1.22
N TYR E 190 -9.38 24.28 2.38
CA TYR E 190 -10.55 23.42 2.49
C TYR E 190 -11.80 24.20 2.85
N SER E 191 -12.95 23.65 2.47
CA SER E 191 -14.25 24.12 2.96
C SER E 191 -15.14 22.92 3.26
N LEU E 192 -15.95 23.03 4.30
CA LEU E 192 -16.98 22.02 4.55
C LEU E 192 -18.27 22.66 5.00
N SER E 193 -19.33 21.87 5.04
CA SER E 193 -20.61 22.33 5.58
C SER E 193 -21.16 21.36 6.60
N SER E 194 -21.84 21.92 7.59
CA SER E 194 -22.56 21.12 8.57
C SER E 194 -24.04 21.52 8.47
N VAL E 195 -24.92 20.54 8.32
CA VAL E 195 -26.33 20.81 8.09
C VAL E 195 -27.19 20.10 9.13
N VAL E 196 -28.15 20.81 9.68
CA VAL E 196 -29.11 20.21 10.59
C VAL E 196 -30.46 20.07 9.92
N THR E 197 -31.06 18.90 10.05
CA THR E 197 -32.40 18.67 9.54
C THR E 197 -33.33 18.72 10.74
N VAL E 198 -34.31 19.61 10.69
CA VAL E 198 -35.18 19.85 11.83
C VAL E 198 -36.63 19.91 11.42
N PRO E 199 -37.55 19.62 12.35
CA PRO E 199 -38.97 19.85 12.10
C PRO E 199 -39.22 21.34 11.94
N SER E 200 -39.99 21.72 10.93
CA SER E 200 -40.17 23.12 10.57
C SER E 200 -40.65 24.02 11.72
N SER E 201 -41.48 23.47 12.59
CA SER E 201 -42.05 24.25 13.69
C SER E 201 -40.98 24.83 14.60
N SER E 202 -39.87 24.12 14.73
CA SER E 202 -38.80 24.50 15.66
C SER E 202 -38.19 25.85 15.32
N LEU E 203 -38.15 26.17 14.03
CA LEU E 203 -37.53 27.41 13.58
C LEU E 203 -38.00 28.61 14.39
N GLY E 204 -39.19 28.50 14.99
CA GLY E 204 -39.73 29.59 15.77
C GLY E 204 -39.54 29.45 17.27
N THR E 205 -39.45 28.20 17.74
CA THR E 205 -39.42 27.94 19.18
C THR E 205 -38.02 27.67 19.73
N GLN E 206 -37.01 27.71 18.86
CA GLN E 206 -35.64 27.39 19.27
C GLN E 206 -34.64 28.06 18.35
N THR E 207 -33.39 28.17 18.81
CA THR E 207 -32.35 28.76 17.99
C THR E 207 -31.28 27.75 17.61
N TYR E 208 -30.50 28.10 16.60
CA TYR E 208 -29.47 27.21 16.07
C TYR E 208 -28.19 27.99 15.88
N ILE E 209 -27.17 27.59 16.62
CA ILE E 209 -25.85 28.21 16.52
C ILE E 209 -24.82 27.12 16.28
N CYS E 210 -24.01 27.27 15.24
CA CYS E 210 -22.94 26.30 15.03
C CYS E 210 -21.68 26.78 15.74
N ASN E 211 -21.00 25.86 16.41
CA ASN E 211 -19.78 26.15 17.10
C ASN E 211 -18.64 25.50 16.35
N VAL E 212 -17.82 26.32 15.71
CA VAL E 212 -16.75 25.83 14.84
C VAL E 212 -15.41 26.01 15.53
N ASN E 213 -14.64 24.92 15.59
CA ASN E 213 -13.33 24.97 16.23
C ASN E 213 -12.27 24.47 15.26
N HIS E 214 -11.31 25.31 14.93
CA HIS E 214 -10.20 24.90 14.08
C HIS E 214 -8.95 24.83 14.96
N LYS E 215 -8.76 23.68 15.60
CA LYS E 215 -7.69 23.57 16.59
C LYS E 215 -6.30 23.91 16.06
N PRO E 216 -5.97 23.52 14.82
CA PRO E 216 -4.63 23.87 14.33
C PRO E 216 -4.32 25.37 14.33
N SER E 217 -5.33 26.22 14.19
CA SER E 217 -5.10 27.67 14.22
C SER E 217 -5.65 28.31 15.49
N ASN E 218 -6.14 27.49 16.41
CA ASN E 218 -6.81 27.99 17.61
C ASN E 218 -7.91 29.00 17.29
N THR E 219 -8.65 28.73 16.21
CA THR E 219 -9.78 29.55 15.82
C THR E 219 -11.08 28.93 16.31
N LYS E 220 -11.87 29.70 17.06
CA LYS E 220 -13.19 29.28 17.47
C LYS E 220 -14.18 30.33 16.99
N VAL E 221 -15.26 29.90 16.33
CA VAL E 221 -16.25 30.81 15.78
C VAL E 221 -17.66 30.27 16.05
N ASP E 222 -18.54 31.12 16.56
CA ASP E 222 -19.94 30.73 16.73
C ASP E 222 -20.75 31.52 15.72
N LYS E 223 -21.72 30.86 15.09
CA LYS E 223 -22.55 31.52 14.09
C LYS E 223 -24.01 31.15 14.26
N LYS E 224 -24.85 32.15 14.52
CA LYS E 224 -26.28 31.90 14.63
C LYS E 224 -26.86 31.81 13.22
N VAL E 225 -27.71 30.81 13.00
CA VAL E 225 -28.32 30.58 11.70
C VAL E 225 -29.83 30.79 11.81
N GLU E 226 -30.34 31.81 11.13
CA GLU E 226 -31.77 32.09 11.18
C GLU E 226 -32.33 32.35 9.79
N PRO E 227 -33.65 32.16 9.63
CA PRO E 227 -34.31 32.39 8.33
C PRO E 227 -33.96 33.77 7.80
N LYS E 228 -33.78 33.87 6.49
CA LYS E 228 -33.33 35.11 5.86
C LYS E 228 -34.39 36.20 5.99
N SER E 229 -33.95 37.45 5.97
CA SER E 229 -34.84 38.59 6.14
C SER E 229 -35.26 39.20 4.80
N CYS E 230 -35.36 40.52 4.76
CA CYS E 230 -35.77 41.27 3.57
C CYS E 230 -37.04 40.72 2.90
N SER F 6 2.19 -4.82 -36.58
CA SER F 6 3.59 -5.20 -36.59
C SER F 6 3.87 -6.23 -35.50
N ILE F 7 4.96 -6.04 -34.75
CA ILE F 7 5.27 -6.98 -33.67
C ILE F 7 4.53 -6.66 -32.37
N LYS F 8 3.75 -7.63 -31.91
CA LYS F 8 3.08 -7.51 -30.63
C LYS F 8 4.09 -7.73 -29.51
N ILE F 9 4.04 -6.86 -28.52
CA ILE F 9 4.85 -7.02 -27.32
C ILE F 9 3.89 -7.39 -26.20
N ARG F 10 3.96 -8.64 -25.76
CA ARG F 10 3.04 -9.14 -24.75
C ARG F 10 3.52 -8.77 -23.35
N PRO F 11 2.60 -8.82 -22.37
CA PRO F 11 3.08 -8.62 -21.00
C PRO F 11 4.27 -9.53 -20.72
N ARG F 12 5.31 -8.98 -20.10
CA ARG F 12 6.46 -9.75 -19.65
C ARG F 12 7.44 -10.08 -20.78
N GLN F 13 7.12 -9.69 -22.00
CA GLN F 13 7.98 -9.98 -23.15
C GLN F 13 9.04 -8.90 -23.38
N ALA F 14 10.30 -9.23 -23.12
CA ALA F 14 11.41 -8.33 -23.41
C ALA F 14 11.55 -8.16 -24.92
N PHE F 15 11.92 -6.97 -25.35
CA PHE F 15 12.04 -6.68 -26.77
C PHE F 15 13.21 -5.76 -27.03
N TYR F 16 14.01 -6.09 -28.03
CA TYR F 16 15.15 -5.27 -28.39
C TYR F 16 15.01 -4.82 -29.84
N ALA F 17 14.66 -3.55 -30.04
CA ALA F 17 14.40 -3.01 -31.38
C ALA F 17 15.63 -3.12 -32.27
#